data_5OIE
#
_entry.id   5OIE
#
_cell.length_a   86.187
_cell.length_b   159.370
_cell.length_c   88.345
_cell.angle_alpha   90.00
_cell.angle_beta   90.00
_cell.angle_gamma   90.00
#
_symmetry.space_group_name_H-M   'P 21 21 2'
#
loop_
_entity.id
_entity.type
_entity.pdbx_description
1 polymer hydrolase
2 non-polymer GLYCEROL
3 non-polymer SERINE
4 non-polymer DI(HYDROXYETHYL)ETHER
5 water water
#
_entity_poly.entity_id   1
_entity_poly.type   'polypeptide(L)'
_entity_poly.pdbx_seq_one_letter_code
;GAMPHDPSFTPTQLAARAAYLLRGNDLGTMTTAAPLLYPHMWSWDAAFVAIGLAPLSVERAVVELDTLLSAQWRNGMIPH
IVFANGVDGYFPGPARWATATLADNAPRNRLTSGITQPPVHAIAVQRILEHARTRGRSTRAVAEAFLDRRWGDLMRWHRW
LAECRDRNERGRITLYHGWESGMDNSPRWDSAYANVVPGKLPEYQRADNVIITDPSQRPSDGEYDRYLWLLEEMKAVRYD
DERLPSVMSFQVEDVFFSAIFSVACQVLAEIGEDYKRPHADVKDLYLWAERFRAGVVETTDQRTGAARDFDVLAEKWLVT
ETAAQFAPLLCGGLPHDRERALLKLLEGPRFCGHPDLKYGLIPSTSPVSRDFRPREYWRGPVWPVLTWLFSWCFARRGWA
ERARLLRQEGLRQASDGSFAAYYEPFTGEPLGSMQQSWTAAAVLDWLG
;
_entity_poly.pdbx_strand_id   A,B
#
loop_
_chem_comp.id
_chem_comp.type
_chem_comp.name
_chem_comp.formula
GOL non-polymer GLYCEROL 'C3 H8 O3'
PEG non-polymer DI(HYDROXYETHYL)ETHER 'C4 H10 O3'
#
# COMPACT_ATOMS: atom_id res chain seq x y z
N PRO A 4 -29.55 -9.83 -20.80
CA PRO A 4 -29.48 -11.14 -21.44
C PRO A 4 -28.05 -11.71 -21.50
N HIS A 5 -27.25 -11.28 -22.47
CA HIS A 5 -25.91 -11.88 -22.67
C HIS A 5 -24.91 -11.52 -21.57
N ASP A 6 -25.11 -10.41 -20.84
CA ASP A 6 -24.11 -9.93 -19.89
C ASP A 6 -24.81 -9.26 -18.70
N PRO A 7 -25.01 -9.99 -17.60
CA PRO A 7 -25.78 -9.43 -16.47
C PRO A 7 -25.09 -8.29 -15.74
N SER A 8 -23.81 -8.03 -15.99
CA SER A 8 -23.05 -7.12 -15.13
C SER A 8 -23.27 -5.66 -15.50
N PHE A 9 -23.07 -4.79 -14.52
CA PHE A 9 -23.11 -3.37 -14.72
C PHE A 9 -21.71 -2.84 -15.03
N THR A 10 -21.67 -1.69 -15.68
CA THR A 10 -20.42 -0.98 -15.88
C THR A 10 -20.00 -0.36 -14.55
N PRO A 11 -18.74 0.06 -14.41
CA PRO A 11 -18.34 0.73 -13.15
C PRO A 11 -19.19 1.96 -12.80
N THR A 12 -19.55 2.81 -13.77
CA THR A 12 -20.35 3.96 -13.40
C THR A 12 -21.78 3.55 -13.05
N GLN A 13 -22.36 2.59 -13.77
CA GLN A 13 -23.66 2.07 -13.36
C GLN A 13 -23.62 1.42 -11.97
N LEU A 14 -22.56 0.65 -11.68
CA LEU A 14 -22.44 0.00 -10.37
C LEU A 14 -22.38 1.03 -9.26
N ALA A 15 -21.50 2.02 -9.42
CA ALA A 15 -21.35 3.10 -8.44
C ALA A 15 -22.65 3.86 -8.21
N ALA A 16 -23.34 4.22 -9.29
CA ALA A 16 -24.63 4.88 -9.12
C ALA A 16 -25.63 3.98 -8.39
N ARG A 17 -25.67 2.70 -8.70
CA ARG A 17 -26.62 1.84 -7.98
C ARG A 17 -26.26 1.66 -6.51
N ALA A 18 -24.97 1.70 -6.17
CA ALA A 18 -24.56 1.58 -4.77
C ALA A 18 -24.93 2.82 -3.99
N ALA A 19 -24.64 4.00 -4.55
CA ALA A 19 -25.03 5.24 -3.90
C ALA A 19 -26.55 5.33 -3.73
N TYR A 20 -27.30 4.88 -4.73
CA TYR A 20 -28.75 4.86 -4.66
C TYR A 20 -29.24 3.95 -3.54
N LEU A 21 -28.66 2.76 -3.42
CA LEU A 21 -29.03 1.91 -2.31
C LEU A 21 -28.73 2.60 -0.98
N LEU A 22 -27.56 3.25 -0.84
CA LEU A 22 -27.22 3.80 0.47
C LEU A 22 -28.15 4.92 0.88
N ARG A 23 -28.53 5.77 -0.08
CA ARG A 23 -29.45 6.85 0.26
C ARG A 23 -30.85 6.29 0.53
N GLY A 24 -31.22 5.20 -0.14
CA GLY A 24 -32.54 4.61 0.07
C GLY A 24 -32.67 3.92 1.42
N ASN A 25 -31.57 3.53 2.05
CA ASN A 25 -31.63 2.93 3.38
C ASN A 25 -31.49 3.97 4.48
N ASP A 26 -31.32 5.23 4.10
CA ASP A 26 -31.16 6.32 5.05
C ASP A 26 -32.52 6.68 5.64
N LEU A 27 -32.65 6.53 6.96
CA LEU A 27 -33.85 6.96 7.70
C LEU A 27 -33.83 8.42 8.11
N GLY A 28 -32.71 9.12 7.93
CA GLY A 28 -32.63 10.53 8.29
C GLY A 28 -31.28 10.87 8.92
N THR A 29 -31.01 10.27 10.07
CA THR A 29 -29.72 10.39 10.73
C THR A 29 -29.07 9.03 10.97
N MET A 30 -29.72 7.95 10.58
CA MET A 30 -29.07 6.64 10.63
C MET A 30 -29.45 5.85 9.38
N THR A 31 -28.58 4.94 8.98
CA THR A 31 -28.80 4.06 7.83
C THR A 31 -29.10 2.65 8.30
N THR A 32 -30.19 2.07 7.80
CA THR A 32 -30.46 0.68 8.16
C THR A 32 -29.38 -0.21 7.54
N ALA A 33 -29.08 -1.33 8.23
CA ALA A 33 -28.11 -2.27 7.67
C ALA A 33 -28.68 -2.97 6.45
N ALA A 34 -29.96 -3.34 6.49
CA ALA A 34 -30.71 -3.95 5.39
C ALA A 34 -32.17 -3.54 5.53
N PRO A 35 -32.88 -3.35 4.41
CA PRO A 35 -34.26 -2.78 4.49
C PRO A 35 -35.22 -3.55 5.38
N LEU A 36 -35.32 -4.86 5.25
CA LEU A 36 -36.26 -5.60 6.08
C LEU A 36 -35.59 -6.53 7.09
N LEU A 37 -34.51 -7.20 6.68
CA LEU A 37 -33.83 -8.14 7.57
C LEU A 37 -33.25 -7.44 8.80
N TYR A 38 -32.54 -6.33 8.57
CA TYR A 38 -31.83 -5.58 9.62
C TYR A 38 -32.25 -4.12 9.60
N PRO A 39 -33.53 -3.77 10.00
CA PRO A 39 -34.03 -2.40 9.75
C PRO A 39 -33.64 -1.38 10.83
N HIS A 40 -32.43 -1.48 11.37
CA HIS A 40 -31.92 -0.60 12.40
C HIS A 40 -30.46 -0.31 12.06
N MET A 41 -29.80 0.42 12.94
CA MET A 41 -28.39 0.74 12.75
C MET A 41 -27.56 -0.31 13.48
N TRP A 42 -26.72 -1.03 12.74
CA TRP A 42 -25.74 -1.94 13.33
C TRP A 42 -24.39 -1.24 13.43
N SER A 43 -23.62 -1.58 14.45
CA SER A 43 -22.43 -0.80 14.75
C SER A 43 -21.33 -0.98 13.71
N TRP A 44 -20.95 -2.21 13.33
CA TRP A 44 -19.87 -2.10 12.36
C TRP A 44 -20.35 -1.93 10.94
N ASP A 45 -21.63 -2.20 10.63
CA ASP A 45 -22.20 -1.74 9.36
C ASP A 45 -22.15 -0.23 9.29
N ALA A 46 -22.45 0.44 10.40
CA ALA A 46 -22.47 1.90 10.37
C ALA A 46 -21.09 2.48 10.13
N ALA A 47 -20.03 1.83 10.60
CA ALA A 47 -18.70 2.27 10.20
C ALA A 47 -18.53 2.11 8.69
N PHE A 48 -18.98 0.99 8.13
CA PHE A 48 -18.83 0.83 6.69
C PHE A 48 -19.72 1.78 5.93
N VAL A 49 -20.95 2.02 6.43
CA VAL A 49 -21.81 3.02 5.80
C VAL A 49 -21.11 4.36 5.77
N ALA A 50 -20.40 4.72 6.86
CA ALA A 50 -19.69 5.99 6.89
C ALA A 50 -18.60 6.03 5.81
N ILE A 51 -17.91 4.91 5.62
CA ILE A 51 -16.90 4.84 4.56
C ILE A 51 -17.53 5.04 3.19
N GLY A 52 -18.71 4.43 2.95
CA GLY A 52 -19.38 4.57 1.68
C GLY A 52 -19.99 5.93 1.46
N LEU A 53 -20.37 6.63 2.55
CA LEU A 53 -20.92 7.97 2.42
C LEU A 53 -19.84 9.00 2.16
N ALA A 54 -18.60 8.74 2.60
CA ALA A 54 -17.56 9.76 2.49
C ALA A 54 -17.36 10.31 1.08
N PRO A 55 -17.31 9.51 0.01
CA PRO A 55 -17.20 10.12 -1.33
C PRO A 55 -18.46 10.85 -1.77
N LEU A 56 -19.62 10.57 -1.16
CA LEU A 56 -20.89 11.24 -1.48
C LEU A 56 -21.10 12.53 -0.70
N SER A 57 -20.86 12.50 0.61
CA SER A 57 -21.10 13.66 1.47
C SER A 57 -20.34 13.45 2.76
N VAL A 58 -19.32 14.26 2.99
CA VAL A 58 -18.57 14.20 4.24
C VAL A 58 -19.49 14.56 5.41
N GLU A 59 -20.38 15.56 5.21
CA GLU A 59 -21.32 15.96 6.26
C GLU A 59 -22.17 14.79 6.70
N ARG A 60 -22.72 14.03 5.74
CA ARG A 60 -23.60 12.93 6.09
C ARG A 60 -22.83 11.74 6.64
N ALA A 61 -21.59 11.55 6.17
CA ALA A 61 -20.75 10.51 6.77
C ALA A 61 -20.49 10.81 8.24
N VAL A 62 -20.13 12.05 8.55
CA VAL A 62 -19.95 12.44 9.95
C VAL A 62 -21.24 12.21 10.75
N VAL A 63 -22.40 12.50 10.15
CA VAL A 63 -23.65 12.35 10.89
C VAL A 63 -23.86 10.89 11.27
N GLU A 64 -23.53 9.96 10.37
CA GLU A 64 -23.68 8.56 10.70
C GLU A 64 -22.90 8.23 11.97
N LEU A 65 -21.64 8.66 12.03
CA LEU A 65 -20.83 8.35 13.21
C LEU A 65 -21.32 9.12 14.43
N ASP A 66 -21.79 10.37 14.26
CA ASP A 66 -22.33 11.11 15.40
C ASP A 66 -23.52 10.38 15.99
N THR A 67 -24.39 9.84 15.13
CA THR A 67 -25.58 9.14 15.61
C THR A 67 -25.19 7.90 16.40
N LEU A 68 -24.23 7.14 15.90
CA LEU A 68 -23.77 5.95 16.62
C LEU A 68 -23.14 6.34 17.94
N LEU A 69 -22.24 7.33 17.94
CA LEU A 69 -21.61 7.75 19.19
C LEU A 69 -22.58 8.41 20.17
N SER A 70 -23.71 8.96 19.70
CA SER A 70 -24.70 9.43 20.66
C SER A 70 -25.40 8.29 21.39
N ALA A 71 -25.22 7.06 20.92
CA ALA A 71 -25.79 5.89 21.60
C ALA A 71 -24.75 5.14 22.44
N GLN A 72 -23.51 5.63 22.52
CA GLN A 72 -22.49 5.05 23.38
C GLN A 72 -22.89 5.03 24.85
N TRP A 73 -22.64 3.91 25.52
CA TRP A 73 -22.94 3.75 26.93
C TRP A 73 -22.03 4.65 27.78
N ARG A 74 -22.48 4.84 29.02
CA ARG A 74 -21.75 5.73 29.94
C ARG A 74 -20.36 5.18 30.26
N ASN A 75 -20.15 3.88 30.15
CA ASN A 75 -18.83 3.31 30.43
C ASN A 75 -17.92 3.30 29.19
N GLY A 76 -18.40 3.74 28.05
CA GLY A 76 -17.61 3.83 26.84
C GLY A 76 -17.98 2.84 25.77
N MET A 77 -18.77 1.81 26.08
CA MET A 77 -19.07 0.75 25.13
C MET A 77 -19.98 1.27 24.01
N ILE A 78 -19.67 0.91 22.77
CA ILE A 78 -20.54 1.18 21.63
C ILE A 78 -21.42 -0.06 21.42
N PRO A 79 -22.73 0.04 21.63
CA PRO A 79 -23.61 -1.13 21.49
C PRO A 79 -23.73 -1.55 20.03
N HIS A 80 -24.10 -2.80 19.82
CA HIS A 80 -24.05 -3.28 18.44
C HIS A 80 -25.31 -3.00 17.66
N ILE A 81 -26.43 -2.70 18.31
CA ILE A 81 -27.61 -2.19 17.64
C ILE A 81 -28.04 -0.89 18.28
N VAL A 82 -28.33 0.11 17.44
CA VAL A 82 -29.10 1.28 17.82
C VAL A 82 -30.44 1.17 17.10
N PHE A 83 -31.51 1.00 17.85
CA PHE A 83 -32.82 0.78 17.26
C PHE A 83 -33.42 2.06 16.76
N ALA A 84 -34.12 1.96 15.64
CA ALA A 84 -34.81 3.10 15.09
C ALA A 84 -36.16 3.27 15.79
N ASN A 85 -36.50 4.52 16.09
CA ASN A 85 -37.77 4.81 16.75
C ASN A 85 -38.91 4.14 16.02
N GLY A 86 -39.67 3.32 16.75
CA GLY A 86 -40.92 2.78 16.27
C GLY A 86 -40.81 1.63 15.29
N VAL A 87 -39.61 1.11 15.02
CA VAL A 87 -39.41 0.11 13.98
C VAL A 87 -39.53 -1.29 14.58
N ASP A 88 -40.35 -2.13 13.94
CA ASP A 88 -40.56 -3.53 14.29
C ASP A 88 -39.91 -4.43 13.24
N GLY A 89 -40.13 -5.75 13.39
CA GLY A 89 -39.73 -6.70 12.37
C GLY A 89 -38.33 -7.30 12.52
N TYR A 90 -37.55 -6.85 13.49
CA TYR A 90 -36.33 -7.55 13.91
C TYR A 90 -36.50 -8.07 15.33
N PHE A 91 -36.16 -9.35 15.54
CA PHE A 91 -36.03 -9.92 16.89
C PHE A 91 -34.61 -10.43 17.13
N PRO A 92 -34.00 -10.12 18.28
CA PRO A 92 -34.57 -9.49 19.49
C PRO A 92 -34.59 -7.97 19.48
N GLY A 93 -35.80 -7.42 19.67
CA GLY A 93 -35.99 -5.99 19.68
C GLY A 93 -35.74 -5.40 21.04
N PRO A 94 -35.87 -4.08 21.17
CA PRO A 94 -35.57 -3.40 22.45
C PRO A 94 -36.29 -4.00 23.66
N ALA A 95 -37.52 -4.47 23.49
CA ALA A 95 -38.25 -5.09 24.59
C ALA A 95 -37.49 -6.28 25.16
N ARG A 96 -36.95 -7.14 24.30
CA ARG A 96 -36.26 -8.34 24.75
C ARG A 96 -34.93 -8.01 25.45
N TRP A 97 -34.20 -7.00 24.96
CA TRP A 97 -32.94 -6.60 25.60
C TRP A 97 -33.20 -5.94 26.96
N ALA A 98 -34.20 -5.08 27.04
CA ALA A 98 -34.57 -4.42 28.28
C ALA A 98 -33.42 -3.61 28.88
N THR A 99 -32.49 -3.17 28.02
CA THR A 99 -31.39 -2.34 28.50
C THR A 99 -31.91 -0.99 29.00
N ALA A 100 -32.99 -0.49 28.42
CA ALA A 100 -33.58 0.77 28.86
C ALA A 100 -33.93 0.71 30.34
N THR A 101 -34.43 -0.42 30.81
CA THR A 101 -34.83 -0.57 32.21
C THR A 101 -33.68 -1.01 33.09
N LEU A 102 -32.87 -1.95 32.61
CA LEU A 102 -31.96 -2.69 33.46
C LEU A 102 -30.55 -2.14 33.49
N ALA A 103 -30.08 -1.60 32.38
CA ALA A 103 -28.67 -1.27 32.21
C ALA A 103 -28.42 0.14 32.75
N ASP A 104 -27.74 0.22 33.89
CA ASP A 104 -27.37 1.53 34.46
C ASP A 104 -26.62 2.39 33.45
N ASN A 105 -25.78 1.78 32.61
CA ASN A 105 -24.91 2.55 31.73
C ASN A 105 -25.54 2.87 30.37
N ALA A 106 -26.77 2.40 30.11
CA ALA A 106 -27.35 2.61 28.78
C ALA A 106 -27.62 4.11 28.55
N PRO A 107 -27.60 4.56 27.31
CA PRO A 107 -27.83 5.98 27.03
C PRO A 107 -29.26 6.39 27.36
N ARG A 108 -29.47 7.69 27.45
N ARG A 108 -29.48 7.69 27.47
CA ARG A 108 -30.80 8.26 27.60
CA ARG A 108 -30.76 8.15 27.99
C ARG A 108 -31.32 8.69 26.23
C ARG A 108 -31.84 8.20 26.90
N ASN A 109 -32.60 8.37 25.99
N ASN A 109 -31.59 8.91 25.80
CA ASN A 109 -33.30 8.73 24.75
CA ASN A 109 -32.63 9.03 24.79
C ASN A 109 -32.58 8.18 23.51
C ASN A 109 -32.26 8.29 23.52
N ARG A 110 -32.04 6.98 23.64
CA ARG A 110 -31.67 6.11 22.53
C ARG A 110 -31.92 4.70 23.02
N LEU A 111 -32.57 3.87 22.21
CA LEU A 111 -32.72 2.46 22.51
C LEU A 111 -31.62 1.70 21.78
N THR A 112 -30.91 0.84 22.52
CA THR A 112 -29.78 0.08 22.00
C THR A 112 -29.87 -1.35 22.50
N SER A 113 -29.01 -2.19 21.93
CA SER A 113 -28.78 -3.54 22.45
C SER A 113 -27.88 -3.45 23.68
N GLY A 114 -27.41 -4.59 24.19
CA GLY A 114 -26.55 -4.61 25.36
C GLY A 114 -25.20 -5.31 25.18
N ILE A 115 -24.80 -5.56 23.94
CA ILE A 115 -23.50 -6.17 23.66
C ILE A 115 -22.81 -5.26 22.66
N THR A 116 -21.55 -5.62 22.32
CA THR A 116 -20.75 -4.75 21.48
C THR A 116 -20.46 -5.41 20.13
N GLN A 117 -19.53 -4.84 19.37
CA GLN A 117 -19.16 -5.37 18.05
C GLN A 117 -17.79 -4.80 17.69
N PRO A 118 -17.13 -5.31 16.65
CA PRO A 118 -15.71 -4.98 16.42
C PRO A 118 -15.49 -3.49 16.17
N PRO A 119 -14.31 -2.97 16.55
CA PRO A 119 -14.03 -1.53 16.50
C PRO A 119 -13.40 -1.09 15.18
N VAL A 120 -14.16 -1.20 14.10
CA VAL A 120 -13.73 -0.72 12.78
C VAL A 120 -13.88 0.79 12.66
N HIS A 121 -14.43 1.44 13.70
CA HIS A 121 -14.84 2.83 13.58
C HIS A 121 -13.67 3.78 13.28
N ALA A 122 -12.51 3.59 13.91
CA ALA A 122 -11.35 4.43 13.59
C ALA A 122 -10.98 4.34 12.09
N ILE A 123 -11.14 3.17 11.48
CA ILE A 123 -10.88 3.05 10.03
C ILE A 123 -11.82 3.96 9.24
N ALA A 124 -13.11 3.97 9.59
CA ALA A 124 -14.05 4.88 8.96
C ALA A 124 -13.64 6.32 9.16
N VAL A 125 -13.14 6.67 10.35
CA VAL A 125 -12.71 8.04 10.60
C VAL A 125 -11.54 8.39 9.71
N GLN A 126 -10.59 7.47 9.53
CA GLN A 126 -9.49 7.73 8.60
C GLN A 126 -10.00 7.97 7.17
N ARG A 127 -10.94 7.15 6.70
CA ARG A 127 -11.39 7.32 5.32
C ARG A 127 -12.14 8.64 5.15
N ILE A 128 -12.87 9.08 6.18
CA ILE A 128 -13.55 10.36 6.09
C ILE A 128 -12.53 11.50 6.01
N LEU A 129 -11.50 11.46 6.86
CA LEU A 129 -10.44 12.47 6.82
C LEU A 129 -9.72 12.48 5.48
N GLU A 130 -9.35 11.31 4.94
CA GLU A 130 -8.69 11.31 3.63
C GLU A 130 -9.60 11.90 2.55
N HIS A 131 -10.88 11.53 2.52
CA HIS A 131 -11.78 12.18 1.57
C HIS A 131 -11.83 13.67 1.79
N ALA A 132 -11.89 14.11 3.06
CA ALA A 132 -12.14 15.53 3.29
C ALA A 132 -10.94 16.38 2.89
N ARG A 133 -9.72 15.87 3.09
CA ARG A 133 -8.56 16.62 2.66
C ARG A 133 -8.50 16.83 1.14
N THR A 134 -9.17 16.01 0.35
CA THR A 134 -9.20 16.27 -1.09
C THR A 134 -10.27 17.28 -1.49
N ARG A 135 -11.11 17.75 -0.56
CA ARG A 135 -12.32 18.47 -0.97
C ARG A 135 -12.31 19.96 -0.64
N GLY A 136 -11.28 20.49 -0.01
CA GLY A 136 -11.30 21.93 0.21
C GLY A 136 -11.67 22.30 1.63
N ARG A 137 -11.63 23.60 1.88
CA ARG A 137 -11.50 24.08 3.26
C ARG A 137 -12.76 23.81 4.07
N SER A 138 -13.93 24.10 3.51
CA SER A 138 -15.15 23.95 4.29
C SER A 138 -15.37 22.47 4.64
N THR A 139 -15.01 21.58 3.73
CA THR A 139 -15.15 20.16 4.00
C THR A 139 -14.16 19.70 5.05
N ARG A 140 -12.91 20.18 4.97
CA ARG A 140 -11.92 19.89 6.02
C ARG A 140 -12.40 20.40 7.38
N ALA A 141 -13.09 21.54 7.41
CA ALA A 141 -13.58 22.06 8.68
C ALA A 141 -14.65 21.15 9.27
N VAL A 142 -15.49 20.53 8.42
CA VAL A 142 -16.53 19.62 8.91
C VAL A 142 -15.89 18.41 9.57
N ALA A 143 -14.88 17.84 8.92
CA ALA A 143 -14.23 16.66 9.47
C ALA A 143 -13.46 16.99 10.74
N GLU A 144 -12.79 18.15 10.78
CA GLU A 144 -12.04 18.51 11.97
C GLU A 144 -12.94 18.93 13.13
N ALA A 145 -14.11 19.49 12.84
CA ALA A 145 -15.04 19.75 13.94
C ALA A 145 -15.60 18.46 14.51
N PHE A 146 -15.80 17.43 13.65
CA PHE A 146 -16.21 16.11 14.14
C PHE A 146 -15.14 15.51 15.09
N LEU A 147 -13.87 15.65 14.75
CA LEU A 147 -12.81 15.18 15.65
C LEU A 147 -12.82 15.96 16.96
N ASP A 148 -12.97 17.28 16.86
CA ASP A 148 -13.06 18.10 18.06
C ASP A 148 -14.09 17.58 19.02
N ARG A 149 -15.27 17.23 18.53
CA ARG A 149 -16.33 16.89 19.44
C ARG A 149 -16.46 15.39 19.73
N ARG A 150 -15.81 14.50 18.99
CA ARG A 150 -15.95 13.08 19.25
C ARG A 150 -14.65 12.38 19.56
N TRP A 151 -13.50 13.06 19.53
CA TRP A 151 -12.25 12.41 19.88
C TRP A 151 -12.33 11.78 21.26
N GLY A 152 -12.84 12.53 22.23
CA GLY A 152 -13.00 11.99 23.57
C GLY A 152 -13.86 10.74 23.62
N ASP A 153 -14.96 10.71 22.83
CA ASP A 153 -15.82 9.52 22.76
C ASP A 153 -15.11 8.34 22.14
N LEU A 154 -14.34 8.59 21.08
CA LEU A 154 -13.58 7.50 20.47
C LEU A 154 -12.56 6.93 21.45
N MET A 155 -11.89 7.80 22.23
CA MET A 155 -10.96 7.28 23.24
C MET A 155 -11.67 6.41 24.26
N ARG A 156 -12.83 6.87 24.77
N ARG A 156 -12.84 6.85 24.75
CA ARG A 156 -13.58 6.09 25.75
CA ARG A 156 -13.57 6.09 25.77
C ARG A 156 -13.95 4.72 25.18
C ARG A 156 -14.06 4.75 25.22
N TRP A 157 -14.32 4.68 23.90
CA TRP A 157 -14.59 3.43 23.25
C TRP A 157 -13.39 2.48 23.32
N HIS A 158 -12.23 2.96 22.88
CA HIS A 158 -11.05 2.10 22.88
C HIS A 158 -10.60 1.78 24.30
N ARG A 159 -10.73 2.73 25.22
CA ARG A 159 -10.35 2.47 26.60
C ARG A 159 -11.28 1.45 27.23
N TRP A 160 -12.56 1.46 26.87
CA TRP A 160 -13.47 0.47 27.43
C TRP A 160 -13.09 -0.95 26.98
N LEU A 161 -12.73 -1.10 25.70
CA LEU A 161 -12.27 -2.39 25.20
C LEU A 161 -10.99 -2.85 25.91
N ALA A 162 -10.00 -1.96 26.02
CA ALA A 162 -8.69 -2.30 26.60
C ALA A 162 -8.77 -2.61 28.09
N GLU A 163 -9.60 -1.87 28.82
CA GLU A 163 -9.71 -2.02 30.25
C GLU A 163 -10.82 -2.98 30.67
N CYS A 164 -11.97 -3.02 29.99
CA CYS A 164 -13.05 -3.86 30.51
C CYS A 164 -13.20 -5.20 29.81
N ARG A 165 -12.73 -5.34 28.59
CA ARG A 165 -12.77 -6.61 27.90
C ARG A 165 -11.40 -7.25 27.75
N ASP A 166 -10.36 -6.60 28.31
CA ASP A 166 -9.02 -7.18 28.46
C ASP A 166 -8.54 -6.94 29.89
N ARG A 167 -9.34 -7.43 30.86
CA ARG A 167 -9.11 -7.18 32.28
C ARG A 167 -7.79 -7.79 32.78
N ASN A 168 -7.31 -8.84 32.15
CA ASN A 168 -6.04 -9.42 32.58
C ASN A 168 -4.87 -8.94 31.72
N GLU A 169 -5.08 -7.89 30.91
CA GLU A 169 -4.04 -7.34 30.03
C GLU A 169 -3.32 -8.45 29.26
N ARG A 170 -4.10 -9.40 28.74
CA ARG A 170 -3.61 -10.43 27.84
C ARG A 170 -3.47 -9.95 26.40
N GLY A 171 -3.98 -8.77 26.08
CA GLY A 171 -3.90 -8.30 24.70
C GLY A 171 -4.83 -9.04 23.77
N ARG A 172 -5.92 -9.59 24.31
CA ARG A 172 -6.99 -10.19 23.53
C ARG A 172 -8.33 -9.77 24.12
N ILE A 173 -9.32 -9.56 23.26
CA ILE A 173 -10.65 -9.08 23.67
C ILE A 173 -11.54 -10.27 24.04
N THR A 174 -12.10 -10.25 25.25
CA THR A 174 -13.09 -11.23 25.64
C THR A 174 -14.48 -10.84 25.12
N LEU A 175 -15.18 -11.82 24.54
CA LEU A 175 -16.58 -11.67 24.16
C LEU A 175 -17.48 -12.50 25.05
N TYR A 176 -18.67 -11.96 25.33
CA TYR A 176 -19.68 -12.70 26.08
C TYR A 176 -20.83 -13.16 25.20
N HIS A 177 -20.72 -13.00 23.87
CA HIS A 177 -21.76 -13.45 22.96
C HIS A 177 -21.12 -13.55 21.57
N GLY A 178 -21.36 -14.67 20.88
CA GLY A 178 -20.86 -14.80 19.52
C GLY A 178 -21.30 -13.67 18.59
N TRP A 179 -22.42 -13.00 18.90
CA TRP A 179 -22.85 -11.89 18.07
C TRP A 179 -21.88 -10.72 18.15
N GLU A 180 -21.10 -10.62 19.23
CA GLU A 180 -20.12 -9.56 19.32
C GLU A 180 -18.97 -9.76 18.34
N SER A 181 -18.71 -10.98 17.88
CA SER A 181 -17.65 -11.19 16.90
C SER A 181 -18.04 -10.68 15.52
N GLY A 182 -19.33 -10.43 15.31
CA GLY A 182 -19.86 -10.19 13.99
C GLY A 182 -20.08 -11.43 13.15
N MET A 183 -19.60 -12.61 13.59
CA MET A 183 -19.70 -13.86 12.83
C MET A 183 -20.58 -14.83 13.61
N ASP A 184 -21.90 -14.54 13.60
CA ASP A 184 -22.85 -15.19 14.50
C ASP A 184 -22.67 -16.69 14.63
N ASN A 185 -22.73 -17.39 13.51
CA ASN A 185 -22.77 -18.84 13.56
C ASN A 185 -21.45 -19.44 13.09
N SER A 186 -20.35 -18.73 13.27
CA SER A 186 -19.07 -19.23 12.79
C SER A 186 -18.71 -20.54 13.50
N PRO A 187 -18.09 -21.50 12.81
CA PRO A 187 -17.54 -22.66 13.50
C PRO A 187 -16.59 -22.31 14.64
N ARG A 188 -16.00 -21.12 14.62
CA ARG A 188 -15.15 -20.71 15.74
C ARG A 188 -15.83 -20.95 17.08
N TRP A 189 -17.14 -20.74 17.17
CA TRP A 189 -17.83 -20.69 18.47
C TRP A 189 -18.57 -21.97 18.83
N ASP A 190 -18.53 -23.01 17.99
CA ASP A 190 -19.38 -24.18 18.21
C ASP A 190 -19.07 -24.88 19.54
N SER A 191 -17.79 -25.06 19.87
CA SER A 191 -17.49 -25.78 21.11
C SER A 191 -17.82 -24.93 22.34
N ALA A 192 -17.67 -23.62 22.25
CA ALA A 192 -18.09 -22.77 23.36
C ALA A 192 -19.61 -22.76 23.52
N TYR A 193 -20.35 -22.72 22.40
CA TYR A 193 -21.81 -22.76 22.47
C TYR A 193 -22.33 -24.12 22.97
N ALA A 194 -21.57 -25.19 22.77
CA ALA A 194 -21.92 -26.48 23.34
C ALA A 194 -21.99 -26.47 24.86
N ASN A 195 -21.33 -25.50 25.50
N ASN A 195 -21.33 -25.52 25.54
CA ASN A 195 -21.35 -25.35 26.94
CA ASN A 195 -21.41 -25.42 27.00
C ASN A 195 -22.31 -24.25 27.41
C ASN A 195 -22.53 -24.47 27.46
N VAL A 196 -23.24 -23.82 26.55
CA VAL A 196 -24.35 -22.95 26.95
C VAL A 196 -25.60 -23.82 27.11
N VAL A 197 -26.09 -23.95 28.35
CA VAL A 197 -27.27 -24.77 28.65
C VAL A 197 -28.44 -23.88 29.06
N PRO A 198 -29.41 -23.61 28.18
CA PRO A 198 -30.53 -22.74 28.56
C PRO A 198 -31.34 -23.32 29.72
N GLY A 199 -31.68 -22.44 30.66
CA GLY A 199 -32.68 -22.72 31.68
C GLY A 199 -34.05 -22.31 31.18
N LYS A 200 -34.90 -21.77 32.05
CA LYS A 200 -36.24 -21.34 31.65
C LYS A 200 -36.18 -20.17 30.67
N LEU A 201 -36.06 -20.46 29.37
CA LEU A 201 -35.93 -19.41 28.36
C LEU A 201 -37.31 -18.87 28.02
N PRO A 202 -37.58 -17.59 28.23
CA PRO A 202 -38.90 -17.04 27.89
C PRO A 202 -39.17 -17.16 26.39
N GLU A 203 -40.40 -17.57 26.06
CA GLU A 203 -40.65 -17.98 24.68
C GLU A 203 -40.57 -16.78 23.72
N TYR A 204 -40.51 -17.09 22.43
CA TYR A 204 -40.22 -16.09 21.42
C TYR A 204 -40.43 -16.70 20.04
N GLN A 205 -40.62 -15.83 19.05
CA GLN A 205 -40.75 -16.23 17.66
C GLN A 205 -39.68 -15.52 16.84
N ARG A 206 -38.93 -16.27 16.05
CA ARG A 206 -37.93 -15.65 15.20
C ARG A 206 -38.61 -14.72 14.20
N ALA A 207 -37.94 -13.61 13.89
CA ALA A 207 -38.32 -12.71 12.81
C ALA A 207 -37.40 -12.82 11.60
N ASP A 208 -36.15 -13.25 11.81
CA ASP A 208 -35.17 -13.23 10.73
C ASP A 208 -35.53 -14.21 9.63
N ASN A 209 -35.92 -15.44 9.99
CA ASN A 209 -36.26 -16.41 8.97
C ASN A 209 -37.70 -16.26 8.45
N VAL A 210 -38.43 -15.22 8.84
CA VAL A 210 -39.65 -14.89 8.11
C VAL A 210 -39.29 -14.07 6.88
N ILE A 211 -38.17 -13.36 6.93
CA ILE A 211 -37.71 -12.53 5.82
C ILE A 211 -36.85 -13.38 4.89
N ILE A 212 -35.82 -14.03 5.44
CA ILE A 212 -34.99 -14.99 4.72
C ILE A 212 -35.54 -16.37 5.07
N THR A 213 -36.34 -16.95 4.18
CA THR A 213 -37.04 -18.18 4.54
C THR A 213 -36.32 -19.46 4.15
N ASP A 214 -35.29 -19.42 3.32
CA ASP A 214 -34.51 -20.63 3.06
C ASP A 214 -33.80 -21.04 4.36
N PRO A 215 -34.12 -22.20 4.92
CA PRO A 215 -33.48 -22.58 6.20
C PRO A 215 -31.96 -22.67 6.12
N SER A 216 -31.41 -23.03 4.95
CA SER A 216 -29.98 -23.24 4.77
C SER A 216 -29.17 -21.95 4.82
N GLN A 217 -29.78 -20.76 4.83
CA GLN A 217 -28.99 -19.54 4.78
C GLN A 217 -28.88 -18.84 6.13
N ARG A 218 -29.58 -19.32 7.16
CA ARG A 218 -29.59 -18.70 8.49
C ARG A 218 -29.28 -19.74 9.56
N PRO A 219 -28.95 -19.30 10.79
CA PRO A 219 -28.74 -20.24 11.90
C PRO A 219 -29.99 -21.04 12.21
N SER A 220 -29.80 -22.13 12.97
CA SER A 220 -30.87 -23.03 13.35
C SER A 220 -31.64 -22.50 14.57
N ASP A 221 -32.77 -23.13 14.85
CA ASP A 221 -33.52 -22.79 16.05
C ASP A 221 -32.70 -23.09 17.29
N GLY A 222 -31.95 -24.21 17.26
CA GLY A 222 -31.11 -24.55 18.39
C GLY A 222 -30.07 -23.48 18.67
N GLU A 223 -29.49 -22.91 17.62
CA GLU A 223 -28.52 -21.84 17.82
C GLU A 223 -29.18 -20.60 18.42
N TYR A 224 -30.34 -20.21 17.88
CA TYR A 224 -31.04 -19.06 18.44
C TYR A 224 -31.42 -19.27 19.91
N ASP A 225 -31.79 -20.50 20.29
CA ASP A 225 -32.09 -20.72 21.70
C ASP A 225 -30.91 -20.35 22.57
N ARG A 226 -29.69 -20.65 22.11
CA ARG A 226 -28.50 -20.29 22.86
C ARG A 226 -28.22 -18.79 22.80
N TYR A 227 -28.36 -18.17 21.61
CA TYR A 227 -28.18 -16.73 21.52
C TYR A 227 -29.10 -16.03 22.51
N LEU A 228 -30.36 -16.44 22.55
CA LEU A 228 -31.32 -15.74 23.40
C LEU A 228 -31.12 -16.07 24.88
N TRP A 229 -30.51 -17.21 25.19
CA TRP A 229 -30.29 -17.51 26.61
C TRP A 229 -29.18 -16.64 27.19
N LEU A 230 -28.14 -16.37 26.39
CA LEU A 230 -27.09 -15.47 26.85
C LEU A 230 -27.65 -14.09 27.21
N LEU A 231 -28.66 -13.62 26.48
CA LEU A 231 -29.33 -12.38 26.88
C LEU A 231 -29.93 -12.47 28.27
N GLU A 232 -30.59 -13.59 28.60
CA GLU A 232 -31.14 -13.77 29.94
C GLU A 232 -30.05 -13.67 31.01
N GLU A 233 -28.87 -14.23 30.75
CA GLU A 233 -27.81 -14.21 31.74
C GLU A 233 -27.31 -12.81 31.97
N MET A 234 -27.19 -12.02 30.90
CA MET A 234 -26.79 -10.63 31.04
C MET A 234 -27.82 -9.82 31.79
N LYS A 235 -29.09 -9.98 31.40
CA LYS A 235 -30.13 -9.22 32.07
C LYS A 235 -30.14 -9.52 33.56
N ALA A 236 -29.85 -10.76 33.94
CA ALA A 236 -29.98 -11.12 35.34
C ALA A 236 -28.99 -10.34 36.20
N VAL A 237 -27.88 -9.88 35.63
CA VAL A 237 -26.97 -9.02 36.36
C VAL A 237 -27.01 -7.59 35.82
N ARG A 238 -28.10 -7.23 35.16
CA ARG A 238 -28.34 -5.85 34.69
C ARG A 238 -27.18 -5.30 33.87
N TYR A 239 -26.56 -6.18 33.07
CA TYR A 239 -25.51 -5.80 32.13
C TYR A 239 -24.27 -5.23 32.80
N ASP A 240 -24.14 -5.42 34.11
CA ASP A 240 -22.99 -4.95 34.86
C ASP A 240 -21.68 -5.61 34.39
N ASP A 241 -20.72 -4.78 33.96
CA ASP A 241 -19.40 -5.25 33.52
C ASP A 241 -18.75 -6.16 34.55
N GLU A 242 -18.76 -5.74 35.82
CA GLU A 242 -18.00 -6.46 36.83
C GLU A 242 -18.55 -7.84 37.10
N ARG A 243 -19.80 -8.09 36.75
CA ARG A 243 -20.45 -9.33 37.11
C ARG A 243 -20.44 -10.37 35.99
N LEU A 244 -20.28 -9.91 34.73
CA LEU A 244 -20.29 -10.82 33.60
C LEU A 244 -19.31 -11.99 33.72
N PRO A 245 -18.05 -11.81 34.14
CA PRO A 245 -17.16 -12.99 34.22
C PRO A 245 -17.68 -14.08 35.15
N SER A 246 -18.44 -13.71 36.18
CA SER A 246 -18.92 -14.73 37.13
C SER A 246 -20.20 -15.40 36.69
N VAL A 247 -20.96 -14.84 35.75
CA VAL A 247 -22.26 -15.41 35.43
C VAL A 247 -22.38 -15.89 33.98
N MET A 248 -21.58 -15.39 33.04
CA MET A 248 -21.78 -15.71 31.62
C MET A 248 -21.32 -17.13 31.29
N SER A 249 -22.16 -17.90 30.58
CA SER A 249 -21.82 -19.25 30.13
C SER A 249 -20.99 -19.26 28.84
N PHE A 250 -20.71 -18.09 28.27
CA PHE A 250 -19.95 -17.97 27.03
C PHE A 250 -18.91 -16.89 27.28
N GLN A 251 -17.61 -17.25 27.18
CA GLN A 251 -16.55 -16.26 27.44
C GLN A 251 -15.36 -16.66 26.57
N VAL A 252 -15.14 -15.94 25.47
CA VAL A 252 -14.10 -16.35 24.54
C VAL A 252 -13.28 -15.13 24.18
N GLU A 253 -12.00 -15.38 23.90
CA GLU A 253 -11.12 -14.36 23.38
C GLU A 253 -11.12 -14.44 21.86
N ASP A 254 -11.51 -13.36 21.21
CA ASP A 254 -11.73 -13.33 19.77
C ASP A 254 -10.49 -12.74 19.12
N VAL A 255 -9.73 -13.57 18.41
CA VAL A 255 -8.45 -13.06 17.93
C VAL A 255 -8.65 -12.15 16.71
N PHE A 256 -9.75 -12.30 16.01
CA PHE A 256 -9.96 -11.45 14.85
C PHE A 256 -10.38 -10.05 15.28
N PHE A 257 -11.38 -9.98 16.15
CA PHE A 257 -11.69 -8.75 16.88
C PHE A 257 -10.43 -8.13 17.48
N SER A 258 -9.57 -8.93 18.15
CA SER A 258 -8.38 -8.33 18.77
C SER A 258 -7.45 -7.71 17.73
N ALA A 259 -7.26 -8.37 16.59
CA ALA A 259 -6.38 -7.82 15.55
C ALA A 259 -6.97 -6.56 14.93
N ILE A 260 -8.28 -6.51 14.74
CA ILE A 260 -8.95 -5.29 14.28
C ILE A 260 -8.71 -4.15 15.26
N PHE A 261 -8.81 -4.46 16.56
CA PHE A 261 -8.57 -3.44 17.57
C PHE A 261 -7.13 -2.94 17.52
N SER A 262 -6.17 -3.86 17.36
CA SER A 262 -4.78 -3.43 17.19
C SER A 262 -4.64 -2.42 16.05
N VAL A 263 -5.17 -2.76 14.87
CA VAL A 263 -5.09 -1.84 13.74
C VAL A 263 -5.80 -0.52 14.05
N ALA A 264 -7.01 -0.61 14.62
CA ALA A 264 -7.77 0.59 14.92
C ALA A 264 -7.05 1.50 15.90
N CYS A 265 -6.40 0.93 16.94
CA CYS A 265 -5.61 1.79 17.84
C CYS A 265 -4.50 2.49 17.09
N GLN A 266 -3.82 1.77 16.19
CA GLN A 266 -2.71 2.43 15.50
C GLN A 266 -3.24 3.50 14.54
N VAL A 267 -4.37 3.22 13.90
CA VAL A 267 -4.96 4.22 13.02
C VAL A 267 -5.39 5.44 13.82
N LEU A 268 -6.11 5.20 14.92
CA LEU A 268 -6.56 6.34 15.72
C LEU A 268 -5.39 7.11 16.32
N ALA A 269 -4.29 6.41 16.65
CA ALA A 269 -3.12 7.11 17.18
C ALA A 269 -2.53 8.04 16.13
N GLU A 270 -2.50 7.60 14.87
CA GLU A 270 -1.91 8.44 13.82
C GLU A 270 -2.78 9.66 13.56
N ILE A 271 -4.09 9.48 13.60
CA ILE A 271 -5.02 10.61 13.53
C ILE A 271 -4.74 11.58 14.66
N GLY A 272 -4.57 11.07 15.88
CA GLY A 272 -4.33 11.95 17.00
C GLY A 272 -3.04 12.74 16.85
N GLU A 273 -2.02 12.16 16.24
CA GLU A 273 -0.79 12.91 15.99
C GLU A 273 -1.00 13.98 14.93
N ASP A 274 -1.61 13.61 13.80
CA ASP A 274 -1.84 14.54 12.71
C ASP A 274 -2.70 15.72 13.12
N TYR A 275 -3.65 15.53 14.04
CA TYR A 275 -4.59 16.57 14.41
C TYR A 275 -4.39 17.04 15.84
N LYS A 276 -3.19 16.83 16.37
CA LYS A 276 -2.73 17.47 17.61
C LYS A 276 -3.64 17.19 18.79
N ARG A 277 -4.06 15.94 18.94
N ARG A 277 -4.07 15.93 18.93
CA ARG A 277 -4.87 15.52 20.07
CA ARG A 277 -4.85 15.50 20.07
C ARG A 277 -3.94 15.28 21.27
C ARG A 277 -3.92 15.32 21.27
N PRO A 278 -4.47 15.16 22.49
CA PRO A 278 -3.60 15.04 23.67
C PRO A 278 -2.58 13.92 23.58
N HIS A 279 -1.32 14.25 23.86
CA HIS A 279 -0.24 13.28 23.72
C HIS A 279 -0.50 12.03 24.56
N ALA A 280 -1.06 12.20 25.75
CA ALA A 280 -1.35 11.05 26.62
C ALA A 280 -2.30 10.06 25.92
N ASP A 281 -3.26 10.58 25.15
CA ASP A 281 -4.15 9.71 24.41
C ASP A 281 -3.41 8.93 23.35
N VAL A 282 -2.53 9.60 22.60
CA VAL A 282 -1.83 8.92 21.51
C VAL A 282 -0.92 7.83 22.08
N LYS A 283 -0.27 8.11 23.22
CA LYS A 283 0.58 7.11 23.87
C LYS A 283 -0.23 5.88 24.26
N ASP A 284 -1.38 6.10 24.91
CA ASP A 284 -2.26 4.98 25.24
C ASP A 284 -2.62 4.17 24.00
N LEU A 285 -2.97 4.86 22.88
CA LEU A 285 -3.37 4.12 21.68
C LEU A 285 -2.22 3.29 21.13
N TYR A 286 -1.01 3.87 21.03
CA TYR A 286 0.13 3.07 20.56
C TYR A 286 0.43 1.92 21.52
N LEU A 287 0.22 2.15 22.81
CA LEU A 287 0.45 1.08 23.77
C LEU A 287 -0.54 -0.07 23.54
N TRP A 288 -1.82 0.25 23.37
CA TRP A 288 -2.79 -0.81 23.09
C TRP A 288 -2.54 -1.47 21.73
N ALA A 289 -2.18 -0.67 20.70
CA ALA A 289 -1.85 -1.26 19.41
C ALA A 289 -0.82 -2.38 19.55
N GLU A 290 0.23 -2.12 20.31
CA GLU A 290 1.30 -3.10 20.43
C GLU A 290 0.86 -4.29 21.27
N ARG A 291 0.10 -4.04 22.35
CA ARG A 291 -0.32 -5.12 23.24
C ARG A 291 -1.26 -6.10 22.52
N PHE A 292 -2.23 -5.59 21.74
CA PHE A 292 -3.12 -6.52 21.03
C PHE A 292 -2.44 -7.17 19.85
N ARG A 293 -1.45 -6.49 19.26
CA ARG A 293 -0.61 -7.16 18.28
C ARG A 293 0.08 -8.35 18.91
N ALA A 294 0.67 -8.16 20.09
CA ALA A 294 1.36 -9.25 20.75
C ALA A 294 0.38 -10.33 21.16
N GLY A 295 -0.78 -9.92 21.67
CA GLY A 295 -1.79 -10.89 22.07
C GLY A 295 -2.26 -11.76 20.92
N VAL A 296 -2.40 -11.17 19.72
CA VAL A 296 -2.78 -11.95 18.54
C VAL A 296 -1.69 -12.95 18.18
N VAL A 297 -0.44 -12.49 18.10
CA VAL A 297 0.69 -13.37 17.71
C VAL A 297 0.89 -14.49 18.71
N GLU A 298 0.63 -14.23 19.98
CA GLU A 298 0.83 -15.28 20.96
C GLU A 298 -0.07 -16.48 20.69
N THR A 299 -1.20 -16.30 20.01
CA THR A 299 -2.12 -17.40 19.73
C THR A 299 -1.69 -18.27 18.57
N THR A 300 -0.64 -17.92 17.82
CA THR A 300 -0.52 -18.45 16.47
C THR A 300 0.09 -19.85 16.45
N ASP A 301 -0.39 -20.65 15.50
CA ASP A 301 0.21 -21.95 15.23
C ASP A 301 1.68 -21.77 14.84
N GLN A 302 2.54 -22.61 15.42
CA GLN A 302 3.97 -22.45 15.27
C GLN A 302 4.47 -22.78 13.87
N ARG A 303 3.69 -23.55 13.09
CA ARG A 303 4.06 -23.91 11.73
C ARG A 303 3.43 -23.01 10.67
N THR A 304 2.12 -22.78 10.74
CA THR A 304 1.42 -22.01 9.72
C THR A 304 1.20 -20.54 10.08
N GLY A 305 1.49 -20.15 11.32
CA GLY A 305 1.17 -18.83 11.80
C GLY A 305 -0.31 -18.54 11.98
N ALA A 306 -1.19 -19.53 11.81
CA ALA A 306 -2.62 -19.30 11.91
C ALA A 306 -3.04 -18.97 13.34
N ALA A 307 -3.88 -17.96 13.49
CA ALA A 307 -4.31 -17.53 14.80
C ALA A 307 -5.48 -18.38 15.31
N ARG A 308 -5.54 -18.54 16.64
CA ARG A 308 -6.53 -19.36 17.33
C ARG A 308 -7.34 -18.49 18.29
N ASP A 309 -8.65 -18.70 18.32
CA ASP A 309 -9.41 -18.12 19.42
C ASP A 309 -9.15 -18.91 20.71
N PHE A 310 -9.61 -18.38 21.86
CA PHE A 310 -9.37 -19.03 23.13
C PHE A 310 -10.67 -19.06 23.95
N ASP A 311 -11.03 -20.24 24.43
CA ASP A 311 -12.24 -20.37 25.24
C ASP A 311 -11.83 -20.17 26.70
N VAL A 312 -12.31 -19.08 27.30
CA VAL A 312 -11.85 -18.71 28.64
C VAL A 312 -12.39 -19.69 29.68
N LEU A 313 -13.63 -20.15 29.53
CA LEU A 313 -14.17 -21.09 30.52
C LEU A 313 -13.49 -22.46 30.43
N ALA A 314 -13.37 -23.00 29.21
CA ALA A 314 -12.71 -24.29 29.04
C ALA A 314 -11.19 -24.20 29.14
N GLU A 315 -10.61 -23.00 29.07
CA GLU A 315 -9.15 -22.81 29.07
C GLU A 315 -8.49 -23.65 27.97
N LYS A 316 -8.99 -23.51 26.74
CA LYS A 316 -8.42 -24.27 25.64
C LYS A 316 -8.47 -23.49 24.35
N TRP A 317 -7.42 -23.65 23.54
CA TRP A 317 -7.33 -23.05 22.23
C TRP A 317 -8.39 -23.67 21.31
N LEU A 318 -9.08 -22.81 20.55
CA LEU A 318 -10.09 -23.24 19.60
C LEU A 318 -9.42 -23.28 18.24
N VAL A 319 -9.28 -24.47 17.68
CA VAL A 319 -8.68 -24.66 16.37
C VAL A 319 -9.84 -24.90 15.39
N THR A 320 -10.04 -23.98 14.47
CA THR A 320 -11.05 -24.14 13.43
C THR A 320 -10.44 -23.57 12.15
N GLU A 321 -11.01 -23.90 11.01
CA GLU A 321 -10.47 -23.46 9.74
C GLU A 321 -11.36 -22.38 9.13
N THR A 322 -11.35 -21.20 9.74
CA THR A 322 -12.11 -20.08 9.20
C THR A 322 -11.17 -18.95 8.83
N ALA A 323 -11.75 -17.92 8.21
CA ALA A 323 -11.00 -16.75 7.81
C ALA A 323 -10.42 -15.99 9.00
N ALA A 324 -10.96 -16.18 10.19
CA ALA A 324 -10.39 -15.46 11.31
C ALA A 324 -8.97 -15.92 11.62
N GLN A 325 -8.56 -17.10 11.13
CA GLN A 325 -7.19 -17.56 11.32
C GLN A 325 -6.18 -16.55 10.79
N PHE A 326 -6.58 -15.76 9.81
CA PHE A 326 -5.69 -14.83 9.13
C PHE A 326 -5.59 -13.49 9.84
N ALA A 327 -6.21 -13.34 11.02
CA ALA A 327 -6.02 -12.15 11.87
C ALA A 327 -4.60 -11.59 11.93
N PRO A 328 -3.54 -12.39 12.10
CA PRO A 328 -2.19 -11.77 12.16
C PRO A 328 -1.80 -11.06 10.88
N LEU A 329 -2.35 -11.44 9.73
CA LEU A 329 -2.06 -10.68 8.53
C LEU A 329 -2.54 -9.25 8.66
N LEU A 330 -3.60 -9.03 9.43
CA LEU A 330 -4.17 -7.68 9.55
C LEU A 330 -3.29 -6.78 10.40
N CYS A 331 -2.84 -7.27 11.56
CA CYS A 331 -2.20 -6.39 12.51
C CYS A 331 -0.68 -6.47 12.49
N GLY A 332 -0.09 -7.42 11.74
CA GLY A 332 1.36 -7.59 11.75
C GLY A 332 1.81 -8.29 13.01
N GLY A 333 3.12 -8.50 13.12
CA GLY A 333 3.70 -9.07 14.32
C GLY A 333 4.31 -10.45 14.17
N LEU A 334 3.95 -11.21 13.14
CA LEU A 334 4.54 -12.52 12.98
C LEU A 334 6.01 -12.39 12.56
N PRO A 335 6.88 -13.31 13.02
CA PRO A 335 8.21 -13.38 12.41
C PRO A 335 8.08 -13.68 10.92
N HIS A 336 9.08 -13.25 10.17
CA HIS A 336 8.99 -13.21 8.71
C HIS A 336 8.62 -14.57 8.12
N ASP A 337 9.24 -15.64 8.59
CA ASP A 337 8.98 -16.96 8.01
C ASP A 337 7.59 -17.49 8.36
N ARG A 338 7.07 -17.13 9.53
CA ARG A 338 5.72 -17.58 9.83
C ARG A 338 4.68 -16.78 9.04
N GLU A 339 4.98 -15.53 8.70
CA GLU A 339 4.00 -14.77 7.92
C GLU A 339 3.95 -15.30 6.49
N ARG A 340 5.09 -15.69 5.94
CA ARG A 340 5.11 -16.31 4.62
C ARG A 340 4.30 -17.61 4.63
N ALA A 341 4.45 -18.43 5.69
CA ALA A 341 3.61 -19.62 5.77
C ALA A 341 2.13 -19.25 5.83
N LEU A 342 1.78 -18.22 6.60
CA LEU A 342 0.37 -17.88 6.72
C LEU A 342 -0.18 -17.36 5.40
N LEU A 343 0.64 -16.66 4.61
CA LEU A 343 0.14 -16.16 3.33
C LEU A 343 0.00 -17.29 2.36
N LYS A 344 0.86 -18.31 2.49
CA LYS A 344 0.71 -19.50 1.65
C LYS A 344 -0.59 -20.23 1.98
N LEU A 345 -0.94 -20.30 3.26
CA LEU A 345 -2.21 -20.88 3.64
C LEU A 345 -3.37 -20.08 3.04
N LEU A 346 -3.27 -18.75 3.06
CA LEU A 346 -4.36 -17.93 2.57
C LEU A 346 -4.57 -18.11 1.07
N GLU A 347 -3.48 -18.13 0.31
CA GLU A 347 -3.55 -18.13 -1.15
C GLU A 347 -3.71 -19.53 -1.72
N GLY A 348 -3.49 -20.55 -0.91
CA GLY A 348 -3.50 -21.90 -1.41
C GLY A 348 -4.86 -22.54 -1.43
N PRO A 349 -4.85 -23.86 -1.64
CA PRO A 349 -6.07 -24.59 -2.00
C PRO A 349 -7.07 -24.75 -0.86
N ARG A 350 -6.68 -24.47 0.38
CA ARG A 350 -7.65 -24.49 1.47
C ARG A 350 -8.49 -23.22 1.56
N PHE A 351 -8.04 -22.13 0.92
CA PHE A 351 -8.78 -20.87 0.97
C PHE A 351 -8.87 -20.23 -0.41
N CYS A 352 -8.11 -19.16 -0.69
CA CYS A 352 -8.37 -18.40 -1.91
C CYS A 352 -8.08 -19.20 -3.16
N GLY A 353 -7.18 -20.17 -3.10
CA GLY A 353 -6.86 -20.92 -4.29
C GLY A 353 -7.59 -22.25 -4.45
N HIS A 354 -8.64 -22.49 -3.68
CA HIS A 354 -9.41 -23.71 -3.90
C HIS A 354 -9.92 -23.73 -5.34
N PRO A 355 -9.83 -24.87 -6.04
CA PRO A 355 -10.09 -24.85 -7.48
C PRO A 355 -11.54 -24.62 -7.88
N ASP A 356 -12.52 -24.94 -7.03
CA ASP A 356 -13.92 -24.81 -7.40
C ASP A 356 -14.50 -23.42 -7.13
N LEU A 357 -13.70 -22.47 -6.64
CA LEU A 357 -14.21 -21.16 -6.25
C LEU A 357 -14.39 -20.25 -7.46
N LYS A 358 -15.56 -19.61 -7.53
CA LYS A 358 -15.82 -18.75 -8.68
C LYS A 358 -14.88 -17.55 -8.69
N TYR A 359 -14.63 -16.94 -7.53
CA TYR A 359 -13.80 -15.75 -7.41
C TYR A 359 -12.59 -16.07 -6.55
N GLY A 360 -11.49 -15.35 -6.80
CA GLY A 360 -10.35 -15.47 -5.91
C GLY A 360 -10.52 -14.64 -4.67
N LEU A 361 -11.39 -15.07 -3.76
CA LEU A 361 -11.80 -14.35 -2.56
C LEU A 361 -11.78 -15.29 -1.37
N ILE A 362 -11.90 -14.75 -0.15
CA ILE A 362 -11.64 -15.50 1.07
C ILE A 362 -12.98 -16.08 1.57
N PRO A 363 -13.17 -17.39 1.52
CA PRO A 363 -14.39 -17.96 2.10
C PRO A 363 -14.38 -17.87 3.62
N SER A 364 -15.58 -17.73 4.20
CA SER A 364 -15.63 -17.53 5.63
C SER A 364 -15.16 -18.76 6.39
N THR A 365 -15.38 -19.96 5.83
CA THR A 365 -14.80 -21.21 6.33
C THR A 365 -14.11 -21.90 5.16
N SER A 366 -13.01 -22.60 5.44
CA SER A 366 -12.29 -23.36 4.43
C SER A 366 -13.22 -24.35 3.71
N PRO A 367 -13.25 -24.35 2.37
CA PRO A 367 -14.08 -25.35 1.67
C PRO A 367 -13.68 -26.80 1.94
N VAL A 368 -12.48 -27.06 2.46
CA VAL A 368 -12.07 -28.44 2.76
C VAL A 368 -12.27 -28.80 4.22
N SER A 369 -12.65 -27.85 5.06
CA SER A 369 -12.99 -28.18 6.44
C SER A 369 -14.31 -28.95 6.49
N ARG A 370 -14.40 -29.85 7.47
CA ARG A 370 -15.65 -30.55 7.70
C ARG A 370 -16.75 -29.63 8.20
N ASP A 371 -16.42 -28.47 8.74
CA ASP A 371 -17.47 -27.53 9.14
C ASP A 371 -18.04 -26.74 7.97
N PHE A 372 -17.52 -26.92 6.77
CA PHE A 372 -17.92 -26.08 5.64
C PHE A 372 -19.36 -26.35 5.23
N ARG A 373 -20.12 -25.28 5.02
CA ARG A 373 -21.46 -25.40 4.46
C ARG A 373 -21.58 -24.25 3.47
N PRO A 374 -21.79 -24.52 2.18
CA PRO A 374 -21.64 -23.45 1.17
C PRO A 374 -22.69 -22.34 1.25
N ARG A 375 -23.84 -22.58 1.91
CA ARG A 375 -24.92 -21.61 1.95
C ARG A 375 -25.15 -20.97 3.32
N GLU A 376 -24.50 -21.46 4.37
CA GLU A 376 -24.97 -21.25 5.74
C GLU A 376 -24.20 -20.14 6.44
N TYR A 377 -24.39 -18.90 5.97
CA TYR A 377 -24.02 -17.68 6.71
C TYR A 377 -22.49 -17.54 6.90
N TRP A 378 -21.96 -17.76 8.11
CA TRP A 378 -20.50 -17.68 8.31
C TRP A 378 -19.81 -19.03 8.21
N ARG A 379 -20.51 -20.08 7.79
CA ARG A 379 -19.92 -21.41 7.72
C ARG A 379 -19.34 -21.75 6.34
N GLY A 380 -19.06 -20.76 5.51
CA GLY A 380 -18.59 -21.07 4.18
C GLY A 380 -18.69 -19.95 3.16
N PRO A 381 -19.82 -19.23 3.08
CA PRO A 381 -19.97 -18.18 2.06
C PRO A 381 -18.87 -17.12 2.09
N VAL A 382 -18.75 -16.45 0.96
CA VAL A 382 -17.80 -15.36 0.80
C VAL A 382 -18.52 -14.07 1.15
N TRP A 383 -17.93 -13.30 2.10
CA TRP A 383 -18.47 -11.99 2.53
C TRP A 383 -17.66 -10.84 1.96
N PRO A 384 -18.27 -9.91 1.19
CA PRO A 384 -17.53 -8.70 0.78
C PRO A 384 -16.90 -7.88 1.90
N VAL A 385 -17.54 -7.77 3.07
CA VAL A 385 -16.93 -6.99 4.16
C VAL A 385 -15.55 -7.54 4.50
N LEU A 386 -15.38 -8.86 4.49
CA LEU A 386 -14.06 -9.41 4.77
C LEU A 386 -13.10 -9.10 3.63
N THR A 387 -13.57 -9.20 2.39
CA THR A 387 -12.76 -8.81 1.24
C THR A 387 -12.26 -7.39 1.42
N TRP A 388 -13.19 -6.48 1.79
CA TRP A 388 -12.79 -5.10 1.98
C TRP A 388 -11.74 -4.98 3.08
N LEU A 389 -12.01 -5.56 4.25
CA LEU A 389 -11.08 -5.42 5.37
C LEU A 389 -9.70 -5.96 5.04
N PHE A 390 -9.63 -7.13 4.43
CA PHE A 390 -8.30 -7.66 4.12
C PHE A 390 -7.61 -6.81 3.07
N SER A 391 -8.34 -6.35 2.05
N SER A 391 -8.34 -6.35 2.05
CA SER A 391 -7.69 -5.54 1.04
CA SER A 391 -7.69 -5.54 1.02
C SER A 391 -7.17 -4.25 1.64
C SER A 391 -7.18 -4.24 1.62
N TRP A 392 -7.98 -3.61 2.47
CA TRP A 392 -7.55 -2.37 3.06
C TRP A 392 -6.37 -2.61 4.01
N CYS A 393 -6.48 -3.62 4.86
CA CYS A 393 -5.37 -3.97 5.74
C CYS A 393 -4.14 -4.42 4.94
N PHE A 394 -4.33 -5.16 3.84
CA PHE A 394 -3.14 -5.59 3.08
C PHE A 394 -2.41 -4.39 2.49
N ALA A 395 -3.15 -3.40 1.98
CA ALA A 395 -2.50 -2.21 1.42
C ALA A 395 -1.70 -1.48 2.49
N ARG A 396 -2.28 -1.35 3.69
CA ARG A 396 -1.59 -0.81 4.85
C ARG A 396 -0.31 -1.58 5.17
N ARG A 397 -0.30 -2.90 4.98
CA ARG A 397 0.97 -3.62 5.20
C ARG A 397 1.98 -3.35 4.09
N GLY A 398 1.58 -2.67 3.03
CA GLY A 398 2.46 -2.46 1.89
C GLY A 398 2.38 -3.53 0.83
N TRP A 399 1.38 -4.42 0.90
CA TRP A 399 1.21 -5.48 -0.10
C TRP A 399 0.23 -5.02 -1.19
N ALA A 400 0.68 -4.04 -1.99
CA ALA A 400 -0.21 -3.35 -2.92
C ALA A 400 -0.79 -4.29 -3.96
N GLU A 401 0.03 -5.18 -4.53
CA GLU A 401 -0.53 -6.10 -5.53
C GLU A 401 -1.56 -7.05 -4.90
N ARG A 402 -1.30 -7.59 -3.69
CA ARG A 402 -2.29 -8.45 -3.05
C ARG A 402 -3.59 -7.68 -2.77
N ALA A 403 -3.47 -6.47 -2.23
CA ALA A 403 -4.66 -5.66 -1.99
C ALA A 403 -5.42 -5.42 -3.29
N ARG A 404 -4.69 -5.21 -4.39
CA ARG A 404 -5.31 -4.92 -5.69
C ARG A 404 -6.10 -6.12 -6.19
N LEU A 405 -5.54 -7.32 -6.05
CA LEU A 405 -6.19 -8.52 -6.53
C LEU A 405 -7.47 -8.79 -5.77
N LEU A 406 -7.46 -8.55 -4.45
CA LEU A 406 -8.70 -8.69 -3.68
C LEU A 406 -9.75 -7.69 -4.14
N ARG A 407 -9.38 -6.41 -4.22
N ARG A 407 -9.37 -6.41 -4.23
CA ARG A 407 -10.29 -5.38 -4.73
CA ARG A 407 -10.26 -5.37 -4.72
C ARG A 407 -10.88 -5.81 -6.07
C ARG A 407 -10.86 -5.73 -6.08
N GLN A 408 -10.03 -6.28 -6.98
CA GLN A 408 -10.47 -6.59 -8.33
C GLN A 408 -11.49 -7.72 -8.35
N GLU A 409 -11.23 -8.80 -7.60
CA GLU A 409 -12.18 -9.89 -7.51
C GLU A 409 -13.44 -9.46 -6.77
N GLY A 410 -13.29 -8.67 -5.72
CA GLY A 410 -14.46 -8.15 -5.02
C GLY A 410 -15.37 -7.38 -5.95
N LEU A 411 -14.80 -6.53 -6.81
CA LEU A 411 -15.65 -5.75 -7.73
C LEU A 411 -16.27 -6.62 -8.79
N ARG A 412 -15.55 -7.66 -9.25
CA ARG A 412 -16.13 -8.61 -10.20
C ARG A 412 -17.30 -9.37 -9.59
N GLN A 413 -17.17 -9.77 -8.33
CA GLN A 413 -18.30 -10.43 -7.68
C GLN A 413 -19.47 -9.48 -7.49
N ALA A 414 -19.22 -8.23 -7.16
CA ALA A 414 -20.31 -7.31 -6.90
C ALA A 414 -20.96 -6.77 -8.17
N SER A 415 -20.37 -7.01 -9.35
N SER A 415 -20.39 -7.01 -9.35
CA SER A 415 -20.81 -6.36 -10.58
CA SER A 415 -20.83 -6.30 -10.54
C SER A 415 -22.25 -6.70 -10.97
C SER A 415 -22.21 -6.76 -11.02
N ASP A 416 -22.87 -7.69 -10.34
CA ASP A 416 -24.26 -8.02 -10.66
C ASP A 416 -25.26 -7.05 -10.01
N GLY A 417 -24.79 -6.18 -9.12
CA GLY A 417 -25.64 -5.23 -8.45
C GLY A 417 -26.56 -5.82 -7.41
N SER A 418 -26.26 -7.02 -6.91
CA SER A 418 -27.12 -7.62 -5.91
C SER A 418 -26.93 -6.99 -4.54
N PHE A 419 -25.72 -6.55 -4.24
CA PHE A 419 -25.36 -6.01 -2.94
C PHE A 419 -25.79 -6.95 -1.83
N ALA A 420 -25.53 -8.24 -2.03
CA ALA A 420 -25.78 -9.18 -0.95
C ALA A 420 -24.61 -9.14 0.02
N ALA A 421 -24.86 -9.57 1.25
CA ALA A 421 -23.78 -9.57 2.23
C ALA A 421 -22.89 -10.80 2.13
N TYR A 422 -23.39 -11.90 1.56
CA TYR A 422 -22.56 -13.08 1.39
C TYR A 422 -23.07 -13.84 0.18
N TYR A 423 -22.19 -14.66 -0.39
CA TYR A 423 -22.32 -15.27 -1.71
C TYR A 423 -21.92 -16.74 -1.63
N GLU A 424 -22.63 -17.57 -2.37
CA GLU A 424 -22.21 -18.96 -2.48
C GLU A 424 -20.81 -19.00 -3.07
N PRO A 425 -19.87 -19.72 -2.47
CA PRO A 425 -18.48 -19.61 -2.96
C PRO A 425 -18.23 -20.28 -4.29
N PHE A 426 -19.03 -21.26 -4.70
CA PHE A 426 -18.79 -22.02 -5.92
C PHE A 426 -19.58 -21.49 -7.11
N THR A 427 -20.85 -21.14 -6.90
CA THR A 427 -21.73 -20.64 -7.94
C THR A 427 -21.77 -19.12 -7.99
N GLY A 428 -21.36 -18.45 -6.91
CA GLY A 428 -21.52 -17.01 -6.79
C GLY A 428 -22.94 -16.54 -6.60
N GLU A 429 -23.88 -17.42 -6.28
CA GLU A 429 -25.24 -16.99 -6.05
C GLU A 429 -25.32 -16.06 -4.85
N PRO A 430 -25.93 -14.87 -4.98
CA PRO A 430 -26.09 -13.99 -3.82
C PRO A 430 -27.04 -14.61 -2.80
N LEU A 431 -26.68 -14.49 -1.52
CA LEU A 431 -27.45 -15.14 -0.47
C LEU A 431 -27.91 -14.12 0.57
N GLY A 432 -28.83 -14.56 1.43
CA GLY A 432 -29.22 -13.71 2.51
C GLY A 432 -30.01 -12.54 1.96
N SER A 433 -29.90 -11.38 2.61
CA SER A 433 -30.66 -10.22 2.18
C SER A 433 -29.96 -9.52 1.03
N MET A 434 -30.71 -9.16 -0.02
CA MET A 434 -30.16 -8.18 -0.94
C MET A 434 -30.16 -6.82 -0.25
N GLN A 435 -29.64 -5.81 -0.94
CA GLN A 435 -29.70 -4.42 -0.46
C GLN A 435 -29.00 -4.21 0.88
N GLN A 436 -27.88 -4.89 1.12
CA GLN A 436 -27.09 -4.65 2.32
C GLN A 436 -26.18 -3.43 2.18
N SER A 437 -26.33 -2.47 3.11
CA SER A 437 -25.65 -1.19 3.01
C SER A 437 -24.14 -1.35 2.96
N TRP A 438 -23.60 -2.28 3.74
CA TRP A 438 -22.15 -2.27 3.84
C TRP A 438 -21.49 -2.91 2.61
N THR A 439 -22.22 -3.70 1.85
CA THR A 439 -21.69 -4.13 0.56
C THR A 439 -21.69 -2.99 -0.44
N ALA A 440 -22.79 -2.22 -0.48
CA ALA A 440 -22.78 -1.04 -1.33
C ALA A 440 -21.65 -0.09 -0.90
N ALA A 441 -21.42 0.03 0.41
CA ALA A 441 -20.32 0.85 0.90
C ALA A 441 -18.95 0.35 0.41
N ALA A 442 -18.71 -0.95 0.55
CA ALA A 442 -17.47 -1.53 0.06
C ALA A 442 -17.25 -1.16 -1.40
N VAL A 443 -18.31 -1.31 -2.20
CA VAL A 443 -18.19 -1.09 -3.63
C VAL A 443 -17.85 0.36 -3.91
N LEU A 444 -18.52 1.29 -3.23
CA LEU A 444 -18.22 2.71 -3.44
C LEU A 444 -16.78 3.02 -3.06
N ASP A 445 -16.30 2.46 -1.95
CA ASP A 445 -14.93 2.76 -1.58
C ASP A 445 -13.96 2.22 -2.63
N TRP A 446 -14.18 1.00 -3.12
CA TRP A 446 -13.30 0.38 -4.12
C TRP A 446 -13.29 1.13 -5.44
N LEU A 447 -14.45 1.57 -5.90
CA LEU A 447 -14.51 2.20 -7.21
C LEU A 447 -13.80 3.54 -7.19
N GLY A 448 -13.80 4.22 -6.05
CA GLY A 448 -13.20 5.55 -5.97
C GLY A 448 -13.77 6.36 -7.14
N PRO B 4 -8.54 21.96 -28.79
CA PRO B 4 -9.06 23.32 -28.62
C PRO B 4 -9.36 23.65 -27.16
N HIS B 5 -10.63 23.45 -26.74
CA HIS B 5 -11.03 23.68 -25.35
C HIS B 5 -10.36 22.74 -24.36
N ASP B 6 -9.87 21.59 -24.80
CA ASP B 6 -9.27 20.64 -23.88
C ASP B 6 -8.31 19.70 -24.61
N PRO B 7 -6.99 19.95 -24.54
CA PRO B 7 -6.04 19.09 -25.25
C PRO B 7 -5.78 17.75 -24.57
N SER B 8 -6.53 17.42 -23.53
CA SER B 8 -6.23 16.22 -22.76
C SER B 8 -6.80 14.96 -23.42
N PHE B 9 -6.13 13.85 -23.20
CA PHE B 9 -6.56 12.55 -23.70
C PHE B 9 -7.27 11.77 -22.59
N THR B 10 -8.25 10.97 -23.01
CA THR B 10 -8.89 10.00 -22.12
C THR B 10 -7.86 8.97 -21.64
N PRO B 11 -8.16 8.25 -20.55
CA PRO B 11 -7.23 7.18 -20.11
C PRO B 11 -7.01 6.11 -21.19
N THR B 12 -8.03 5.70 -21.94
CA THR B 12 -7.76 4.71 -22.99
C THR B 12 -6.88 5.29 -24.09
N GLN B 13 -7.16 6.54 -24.53
CA GLN B 13 -6.31 7.15 -25.56
C GLN B 13 -4.87 7.32 -25.07
N LEU B 14 -4.69 7.76 -23.82
CA LEU B 14 -3.35 7.95 -23.29
C LEU B 14 -2.57 6.65 -23.27
N ALA B 15 -3.21 5.57 -22.82
CA ALA B 15 -2.52 4.28 -22.74
C ALA B 15 -2.20 3.73 -24.14
N ALA B 16 -3.12 3.92 -25.10
CA ALA B 16 -2.81 3.58 -26.48
C ALA B 16 -1.60 4.35 -26.97
N ARG B 17 -1.54 5.65 -26.70
CA ARG B 17 -0.45 6.48 -27.20
C ARG B 17 0.86 6.16 -26.51
N ALA B 18 0.81 5.80 -25.22
CA ALA B 18 2.03 5.41 -24.53
C ALA B 18 2.61 4.14 -25.13
N ALA B 19 1.76 3.14 -25.37
CA ALA B 19 2.23 1.86 -25.90
C ALA B 19 2.73 2.02 -27.32
N TYR B 20 2.06 2.87 -28.11
CA TYR B 20 2.50 3.16 -29.46
C TYR B 20 3.90 3.77 -29.47
N LEU B 21 4.16 4.66 -28.51
CA LEU B 21 5.47 5.28 -28.39
C LEU B 21 6.54 4.25 -28.00
N LEU B 22 6.24 3.40 -27.02
CA LEU B 22 7.20 2.38 -26.59
C LEU B 22 7.54 1.43 -27.73
N ARG B 23 6.54 1.01 -28.52
CA ARG B 23 6.85 0.17 -29.68
C ARG B 23 7.63 0.95 -30.72
N GLY B 24 7.34 2.25 -30.88
CA GLY B 24 8.02 3.05 -31.89
C GLY B 24 9.49 3.33 -31.58
N ASN B 25 9.87 3.27 -30.29
CA ASN B 25 11.26 3.46 -29.87
C ASN B 25 12.04 2.14 -29.80
N ASP B 26 11.45 1.04 -30.24
CA ASP B 26 12.07 -0.27 -30.15
C ASP B 26 12.94 -0.48 -31.39
N LEU B 27 14.25 -0.67 -31.19
CA LEU B 27 15.17 -1.00 -32.26
C LEU B 27 15.20 -2.48 -32.59
N GLY B 28 14.50 -3.30 -31.81
CA GLY B 28 14.52 -4.73 -32.03
C GLY B 28 14.70 -5.52 -30.76
N THR B 29 15.90 -5.40 -30.16
CA THR B 29 16.17 -5.98 -28.86
C THR B 29 16.34 -4.93 -27.79
N MET B 30 16.53 -3.67 -28.16
CA MET B 30 16.63 -2.60 -27.19
C MET B 30 15.68 -1.47 -27.55
N THR B 31 15.29 -0.72 -26.54
CA THR B 31 14.45 0.46 -26.68
C THR B 31 15.28 1.70 -26.40
N THR B 32 15.22 2.67 -27.30
CA THR B 32 15.93 3.91 -27.06
C THR B 32 15.21 4.68 -25.96
N ALA B 33 16.00 5.47 -25.21
CA ALA B 33 15.42 6.29 -24.14
C ALA B 33 14.61 7.43 -24.72
N ALA B 34 15.08 8.02 -25.83
CA ALA B 34 14.31 9.02 -26.55
C ALA B 34 14.81 9.08 -27.98
N PRO B 35 13.91 9.23 -28.96
CA PRO B 35 14.30 9.06 -30.37
C PRO B 35 15.58 9.75 -30.81
N LEU B 36 15.72 11.05 -30.56
CA LEU B 36 16.89 11.79 -31.02
C LEU B 36 17.85 12.16 -29.91
N LEU B 37 17.35 12.62 -28.76
CA LEU B 37 18.24 13.08 -27.69
C LEU B 37 19.05 11.93 -27.11
N TYR B 38 18.42 10.76 -26.95
CA TYR B 38 18.99 9.61 -26.25
C TYR B 38 18.79 8.36 -27.11
N PRO B 39 19.45 8.30 -28.32
CA PRO B 39 19.11 7.24 -29.29
C PRO B 39 19.81 5.91 -28.98
N HIS B 40 20.00 5.62 -27.70
CA HIS B 40 20.67 4.41 -27.24
C HIS B 40 19.91 3.87 -26.04
N MET B 41 20.36 2.72 -25.53
CA MET B 41 19.75 2.14 -24.34
C MET B 41 20.44 2.68 -23.09
N TRP B 42 19.68 3.35 -22.24
CA TRP B 42 20.15 3.82 -20.94
C TRP B 42 19.70 2.86 -19.84
N SER B 43 20.52 2.75 -18.80
CA SER B 43 20.32 1.70 -17.81
C SER B 43 19.02 1.85 -17.01
N TRP B 44 18.84 2.95 -16.28
CA TRP B 44 17.59 2.90 -15.54
C TRP B 44 16.36 3.25 -16.39
N ASP B 45 16.55 3.91 -17.53
CA ASP B 45 15.45 3.98 -18.48
C ASP B 45 15.03 2.58 -18.91
N ALA B 46 16.01 1.70 -19.13
CA ALA B 46 15.68 0.36 -19.60
C ALA B 46 14.88 -0.41 -18.57
N ALA B 47 15.17 -0.23 -17.28
CA ALA B 47 14.34 -0.87 -16.26
C ALA B 47 12.91 -0.36 -16.32
N PHE B 48 12.72 0.95 -16.47
CA PHE B 48 11.38 1.48 -16.58
C PHE B 48 10.71 1.00 -17.86
N VAL B 49 11.48 0.91 -18.95
CA VAL B 49 10.90 0.40 -20.18
C VAL B 49 10.36 -1.00 -19.97
N ALA B 50 11.09 -1.83 -19.23
CA ALA B 50 10.60 -3.18 -18.98
C ALA B 50 9.30 -3.16 -18.18
N ILE B 51 9.22 -2.26 -17.20
CA ILE B 51 7.98 -2.07 -16.44
C ILE B 51 6.84 -1.70 -17.38
N GLY B 52 7.10 -0.78 -18.31
CA GLY B 52 6.06 -0.36 -19.23
C GLY B 52 5.67 -1.43 -20.23
N LEU B 53 6.61 -2.32 -20.57
CA LEU B 53 6.31 -3.38 -21.52
C LEU B 53 5.60 -4.56 -20.88
N ALA B 54 5.76 -4.75 -19.58
CA ALA B 54 5.19 -5.94 -18.93
C ALA B 54 3.67 -6.07 -19.12
N PRO B 55 2.85 -5.00 -19.06
CA PRO B 55 1.42 -5.16 -19.43
C PRO B 55 1.21 -5.44 -20.92
N LEU B 56 2.16 -5.12 -21.78
CA LEU B 56 2.00 -5.34 -23.21
C LEU B 56 2.49 -6.71 -23.64
N SER B 57 3.62 -7.15 -23.10
CA SER B 57 4.25 -8.38 -23.54
C SER B 57 5.36 -8.75 -22.57
N VAL B 58 5.12 -9.77 -21.74
CA VAL B 58 6.13 -10.23 -20.79
C VAL B 58 7.37 -10.73 -21.53
N GLU B 59 7.18 -11.41 -22.67
CA GLU B 59 8.32 -11.84 -23.48
C GLU B 59 9.20 -10.66 -23.87
N ARG B 60 8.60 -9.59 -24.41
CA ARG B 60 9.42 -8.46 -24.83
C ARG B 60 9.99 -7.69 -23.65
N ALA B 61 9.27 -7.66 -22.51
CA ALA B 61 9.84 -7.05 -21.31
C ALA B 61 11.09 -7.81 -20.86
N VAL B 62 11.03 -9.14 -20.87
CA VAL B 62 12.18 -9.92 -20.46
C VAL B 62 13.34 -9.68 -21.43
N VAL B 63 13.03 -9.53 -22.71
CA VAL B 63 14.06 -9.30 -23.72
C VAL B 63 14.81 -8.00 -23.44
N GLU B 64 14.09 -6.98 -22.96
CA GLU B 64 14.76 -5.71 -22.66
C GLU B 64 15.80 -5.88 -21.57
N LEU B 65 15.44 -6.59 -20.50
CA LEU B 65 16.42 -6.81 -19.43
C LEU B 65 17.51 -7.78 -19.86
N ASP B 66 17.15 -8.80 -20.64
CA ASP B 66 18.19 -9.70 -21.18
C ASP B 66 19.24 -8.90 -21.94
N THR B 67 18.80 -7.95 -22.77
CA THR B 67 19.74 -7.17 -23.57
C THR B 67 20.62 -6.31 -22.67
N LEU B 68 20.04 -5.69 -21.63
CA LEU B 68 20.86 -4.89 -20.75
C LEU B 68 21.89 -5.76 -20.03
N LEU B 69 21.48 -6.93 -19.58
CA LEU B 69 22.39 -7.80 -18.84
C LEU B 69 23.44 -8.44 -19.75
N SER B 70 23.20 -8.49 -21.07
CA SER B 70 24.28 -8.96 -21.95
C SER B 70 25.42 -7.95 -22.04
N ALA B 71 25.17 -6.69 -21.67
CA ALA B 71 26.21 -5.68 -21.65
C ALA B 71 26.86 -5.52 -20.27
N GLN B 72 26.51 -6.37 -19.32
CA GLN B 72 27.13 -6.31 -18.00
C GLN B 72 28.62 -6.55 -18.11
N TRP B 73 29.40 -5.77 -17.34
CA TRP B 73 30.84 -5.92 -17.24
C TRP B 73 31.21 -7.18 -16.43
N ARG B 74 32.45 -7.62 -16.64
CA ARG B 74 32.91 -8.88 -16.05
C ARG B 74 32.97 -8.81 -14.53
N ASN B 75 33.14 -7.63 -13.96
CA ASN B 75 33.10 -7.50 -12.51
C ASN B 75 31.69 -7.38 -11.96
N GLY B 76 30.69 -7.21 -12.83
CA GLY B 76 29.29 -7.13 -12.42
C GLY B 76 28.63 -5.78 -12.67
N MET B 77 29.40 -4.76 -13.01
CA MET B 77 28.80 -3.44 -13.17
C MET B 77 27.87 -3.40 -14.37
N ILE B 78 26.68 -2.85 -14.19
CA ILE B 78 25.81 -2.52 -15.30
C ILE B 78 26.18 -1.11 -15.76
N PRO B 79 26.68 -0.93 -16.99
CA PRO B 79 27.05 0.41 -17.46
C PRO B 79 25.80 1.22 -17.78
N HIS B 80 25.92 2.55 -17.76
CA HIS B 80 24.71 3.35 -17.86
C HIS B 80 24.25 3.59 -19.30
N ILE B 81 25.13 3.41 -20.30
CA ILE B 81 24.71 3.45 -21.69
C ILE B 81 25.14 2.15 -22.36
N VAL B 82 24.24 1.54 -23.12
CA VAL B 82 24.58 0.50 -24.09
C VAL B 82 24.27 1.09 -25.46
N PHE B 83 25.33 1.33 -26.23
CA PHE B 83 25.18 2.00 -27.51
C PHE B 83 24.60 1.05 -28.54
N ALA B 84 23.70 1.60 -29.35
CA ALA B 84 23.16 0.90 -30.50
C ALA B 84 24.14 1.01 -31.66
N ASN B 85 24.24 -0.05 -32.45
CA ASN B 85 25.26 -0.08 -33.51
C ASN B 85 25.01 1.01 -34.55
N GLY B 86 26.01 1.86 -34.76
CA GLY B 86 25.97 2.76 -35.90
C GLY B 86 25.14 4.02 -35.73
N VAL B 87 24.78 4.36 -34.50
CA VAL B 87 24.01 5.58 -34.23
C VAL B 87 24.95 6.62 -33.64
N ASP B 88 25.11 7.73 -34.34
CA ASP B 88 25.70 8.90 -33.72
C ASP B 88 24.56 9.84 -33.32
N GLY B 89 24.86 11.13 -33.18
CA GLY B 89 23.90 12.09 -32.69
C GLY B 89 23.85 12.21 -31.19
N TYR B 90 24.58 11.36 -30.46
CA TYR B 90 24.73 11.47 -29.02
C TYR B 90 26.20 11.58 -28.66
N PHE B 91 26.56 12.61 -27.89
CA PHE B 91 27.92 12.77 -27.39
C PHE B 91 27.89 12.84 -25.87
N PRO B 92 28.81 12.11 -25.17
CA PRO B 92 29.93 11.32 -25.69
C PRO B 92 29.56 9.91 -26.11
N GLY B 93 29.96 9.55 -27.33
CA GLY B 93 29.71 8.23 -27.86
C GLY B 93 30.82 7.25 -27.52
N PRO B 94 30.75 6.04 -28.09
CA PRO B 94 31.70 4.99 -27.69
C PRO B 94 33.15 5.37 -27.90
N ALA B 95 33.45 6.14 -28.95
CA ALA B 95 34.85 6.50 -29.22
C ALA B 95 35.39 7.36 -28.10
N ARG B 96 34.58 8.29 -27.60
CA ARG B 96 35.02 9.15 -26.51
C ARG B 96 35.29 8.33 -25.25
N TRP B 97 34.41 7.39 -24.93
CA TRP B 97 34.61 6.56 -23.74
C TRP B 97 35.76 5.58 -23.93
N ALA B 98 35.88 4.99 -25.12
CA ALA B 98 36.98 4.10 -25.47
C ALA B 98 37.08 2.90 -24.53
N THR B 99 35.95 2.51 -23.92
CA THR B 99 35.95 1.35 -23.03
C THR B 99 36.32 0.07 -23.76
N ALA B 100 35.91 -0.04 -25.03
CA ALA B 100 36.29 -1.21 -25.81
C ALA B 100 37.81 -1.37 -25.84
N THR B 101 38.55 -0.27 -25.90
CA THR B 101 40.00 -0.35 -25.90
C THR B 101 40.57 -0.54 -24.50
N LEU B 102 40.15 0.30 -23.57
CA LEU B 102 40.88 0.49 -22.32
C LEU B 102 40.39 -0.40 -21.19
N ALA B 103 39.09 -0.72 -21.16
CA ALA B 103 38.46 -1.38 -20.01
C ALA B 103 38.60 -2.89 -20.13
N ASP B 104 39.42 -3.48 -19.26
CA ASP B 104 39.57 -4.93 -19.24
C ASP B 104 38.25 -5.65 -18.93
N ASN B 105 37.34 -4.99 -18.20
CA ASN B 105 36.09 -5.63 -17.82
C ASN B 105 34.94 -5.34 -18.77
N ALA B 106 35.16 -4.52 -19.80
CA ALA B 106 34.07 -4.23 -20.72
C ALA B 106 33.56 -5.52 -21.37
N PRO B 107 32.30 -5.54 -21.79
CA PRO B 107 31.75 -6.75 -22.40
C PRO B 107 32.33 -6.97 -23.79
N ARG B 108 32.21 -8.21 -24.25
N ARG B 108 32.20 -8.21 -24.25
CA ARG B 108 32.88 -8.64 -25.47
CA ARG B 108 32.55 -8.57 -25.61
C ARG B 108 32.24 -8.03 -26.71
C ARG B 108 31.35 -8.35 -26.53
N ASN B 109 30.96 -8.31 -26.95
N ASN B 109 31.60 -7.69 -27.66
CA ASN B 109 30.36 -7.85 -28.20
CA ASN B 109 30.60 -7.45 -28.70
C ASN B 109 29.28 -6.80 -27.94
C ASN B 109 29.40 -6.64 -28.19
N ARG B 110 29.66 -5.73 -27.24
CA ARG B 110 28.76 -4.64 -26.92
C ARG B 110 29.62 -3.42 -26.72
N LEU B 111 29.19 -2.27 -27.23
CA LEU B 111 29.79 -0.99 -26.86
C LEU B 111 28.96 -0.37 -25.75
N THR B 112 29.63 0.02 -24.65
CA THR B 112 28.99 0.57 -23.46
C THR B 112 29.78 1.77 -22.95
N SER B 113 29.16 2.52 -22.04
CA SER B 113 29.85 3.53 -21.26
C SER B 113 30.72 2.86 -20.20
N GLY B 114 31.31 3.66 -19.32
CA GLY B 114 32.25 3.17 -18.32
C GLY B 114 31.88 3.58 -16.92
N ILE B 115 30.64 4.01 -16.74
CA ILE B 115 30.10 4.39 -15.44
C ILE B 115 28.75 3.70 -15.30
N THR B 116 28.14 3.82 -14.12
CA THR B 116 26.95 3.06 -13.79
C THR B 116 25.76 4.01 -13.60
N GLN B 117 24.67 3.48 -13.02
CA GLN B 117 23.46 4.24 -12.77
C GLN B 117 22.60 3.45 -11.77
N PRO B 118 21.57 4.08 -11.20
CA PRO B 118 20.92 3.48 -10.03
C PRO B 118 20.32 2.13 -10.33
N PRO B 119 20.27 1.23 -9.35
CA PRO B 119 19.80 -0.15 -9.53
C PRO B 119 18.29 -0.32 -9.31
N VAL B 120 17.48 0.32 -10.15
CA VAL B 120 16.04 0.05 -10.15
C VAL B 120 15.66 -1.25 -10.85
N HIS B 121 16.63 -2.06 -11.32
CA HIS B 121 16.30 -3.22 -12.16
C HIS B 121 15.49 -4.27 -11.41
N ALA B 122 15.84 -4.58 -10.14
CA ALA B 122 15.04 -5.52 -9.37
C ALA B 122 13.58 -5.11 -9.30
N ILE B 123 13.32 -3.80 -9.22
CA ILE B 123 11.94 -3.34 -9.21
C ILE B 123 11.25 -3.74 -10.52
N ALA B 124 11.94 -3.59 -11.64
CA ALA B 124 11.37 -4.00 -12.92
C ALA B 124 11.09 -5.51 -12.93
N VAL B 125 12.00 -6.31 -12.35
CA VAL B 125 11.78 -7.75 -12.29
C VAL B 125 10.53 -8.07 -11.50
N GLN B 126 10.35 -7.38 -10.37
CA GLN B 126 9.15 -7.56 -9.57
C GLN B 126 7.87 -7.29 -10.37
N ARG B 127 7.82 -6.17 -11.08
CA ARG B 127 6.63 -5.86 -11.86
C ARG B 127 6.41 -6.88 -12.98
N ILE B 128 7.49 -7.35 -13.62
CA ILE B 128 7.35 -8.38 -14.65
C ILE B 128 6.70 -9.63 -14.07
N LEU B 129 7.20 -10.07 -12.91
CA LEU B 129 6.66 -11.26 -12.27
C LEU B 129 5.20 -11.08 -11.88
N GLU B 130 4.85 -9.91 -11.34
CA GLU B 130 3.48 -9.70 -10.91
C GLU B 130 2.53 -9.73 -12.10
N HIS B 131 2.91 -9.10 -13.21
CA HIS B 131 2.13 -9.22 -14.44
C HIS B 131 2.04 -10.66 -14.89
N ALA B 132 3.17 -11.38 -14.86
CA ALA B 132 3.18 -12.73 -15.40
C ALA B 132 2.28 -13.65 -14.59
N ARG B 133 2.20 -13.43 -13.27
CA ARG B 133 1.35 -14.26 -12.43
C ARG B 133 -0.14 -14.06 -12.73
N THR B 134 -0.55 -12.94 -13.33
CA THR B 134 -1.95 -12.80 -13.73
C THR B 134 -2.26 -13.40 -15.10
N ARG B 135 -1.26 -13.86 -15.85
CA ARG B 135 -1.48 -14.31 -17.21
C ARG B 135 -1.36 -15.83 -17.39
N GLY B 136 -1.20 -16.58 -16.31
CA GLY B 136 -1.31 -18.02 -16.43
C GLY B 136 -0.07 -18.69 -16.96
N ARG B 137 -0.18 -20.03 -17.07
CA ARG B 137 0.99 -20.92 -17.05
C ARG B 137 2.05 -20.55 -18.07
N SER B 138 1.66 -20.41 -19.34
CA SER B 138 2.66 -20.19 -20.38
C SER B 138 3.49 -18.96 -20.08
N THR B 139 2.85 -17.89 -19.62
CA THR B 139 3.58 -16.64 -19.38
C THR B 139 4.39 -16.68 -18.10
N ARG B 140 3.90 -17.36 -17.06
CA ARG B 140 4.73 -17.62 -15.89
C ARG B 140 6.04 -18.29 -16.29
N ALA B 141 5.97 -19.29 -17.18
CA ALA B 141 7.18 -20.01 -17.54
C ALA B 141 8.23 -19.07 -18.12
N VAL B 142 7.80 -18.12 -18.96
CA VAL B 142 8.73 -17.16 -19.55
C VAL B 142 9.41 -16.33 -18.47
N ALA B 143 8.61 -15.81 -17.53
CA ALA B 143 9.19 -15.00 -16.46
C ALA B 143 10.09 -15.86 -15.57
N GLU B 144 9.69 -17.09 -15.29
CA GLU B 144 10.53 -17.96 -14.46
C GLU B 144 11.78 -18.41 -15.21
N ALA B 145 11.69 -18.61 -16.52
CA ALA B 145 12.90 -19.01 -17.22
C ALA B 145 13.91 -17.87 -17.24
N PHE B 146 13.42 -16.63 -17.20
CA PHE B 146 14.28 -15.46 -17.11
C PHE B 146 15.04 -15.44 -15.79
N LEU B 147 14.32 -15.69 -14.69
CA LEU B 147 14.98 -15.82 -13.40
C LEU B 147 16.09 -16.84 -13.44
N ASP B 148 15.84 -18.02 -14.01
CA ASP B 148 16.89 -19.04 -14.10
C ASP B 148 18.10 -18.50 -14.83
N ARG B 149 17.89 -17.88 -15.99
CA ARG B 149 18.99 -17.40 -16.81
C ARG B 149 19.73 -16.23 -16.16
N ARG B 150 19.02 -15.34 -15.44
CA ARG B 150 19.64 -14.08 -15.05
C ARG B 150 19.77 -13.84 -13.55
N TRP B 151 19.32 -14.75 -12.69
CA TRP B 151 19.48 -14.52 -11.25
C TRP B 151 20.95 -14.31 -10.89
N GLY B 152 21.82 -15.12 -11.47
CA GLY B 152 23.25 -14.97 -11.20
C GLY B 152 23.77 -13.61 -11.60
N ASP B 153 23.28 -13.07 -12.73
CA ASP B 153 23.75 -11.76 -13.18
C ASP B 153 23.22 -10.64 -12.29
N LEU B 154 21.96 -10.73 -11.84
CA LEU B 154 21.45 -9.73 -10.92
C LEU B 154 22.24 -9.74 -9.61
N MET B 155 22.56 -10.94 -9.11
CA MET B 155 23.37 -11.03 -7.90
C MET B 155 24.72 -10.37 -8.09
N ARG B 156 25.38 -10.60 -9.24
N ARG B 156 25.36 -10.58 -9.25
CA ARG B 156 26.69 -10.01 -9.48
CA ARG B 156 26.69 -10.02 -9.47
C ARG B 156 26.59 -8.49 -9.54
C ARG B 156 26.62 -8.50 -9.61
N TRP B 157 25.50 -7.98 -10.13
CA TRP B 157 25.25 -6.54 -10.14
C TRP B 157 25.18 -6.00 -8.72
N HIS B 158 24.30 -6.56 -7.90
CA HIS B 158 24.18 -6.08 -6.53
C HIS B 158 25.47 -6.27 -5.75
N ARG B 159 26.19 -7.37 -6.00
CA ARG B 159 27.39 -7.63 -5.23
C ARG B 159 28.49 -6.63 -5.59
N TRP B 160 28.56 -6.22 -6.85
CA TRP B 160 29.57 -5.24 -7.25
C TRP B 160 29.30 -3.88 -6.60
N LEU B 161 28.04 -3.44 -6.63
CA LEU B 161 27.64 -2.26 -5.89
C LEU B 161 28.04 -2.37 -4.42
N ALA B 162 27.62 -3.46 -3.75
CA ALA B 162 27.89 -3.62 -2.32
C ALA B 162 29.39 -3.70 -2.02
N GLU B 163 30.18 -4.31 -2.91
CA GLU B 163 31.58 -4.54 -2.57
C GLU B 163 32.54 -3.53 -3.17
N CYS B 164 32.29 -2.99 -4.37
CA CYS B 164 33.24 -2.09 -5.00
C CYS B 164 32.86 -0.62 -4.88
N ARG B 165 31.59 -0.29 -4.67
CA ARG B 165 31.19 1.10 -4.48
C ARG B 165 30.84 1.39 -3.03
N ASP B 166 30.96 0.41 -2.14
CA ASP B 166 30.88 0.63 -0.69
C ASP B 166 32.06 -0.08 -0.03
N ARG B 167 33.27 0.40 -0.38
CA ARG B 167 34.51 -0.27 0.01
C ARG B 167 34.66 -0.34 1.53
N ASN B 168 34.24 0.70 2.23
CA ASN B 168 34.41 0.77 3.67
C ASN B 168 33.21 0.25 4.44
N GLU B 169 32.25 -0.37 3.76
CA GLU B 169 31.00 -0.85 4.36
C GLU B 169 30.35 0.24 5.22
N ARG B 170 30.21 1.42 4.63
CA ARG B 170 29.44 2.50 5.24
C ARG B 170 27.96 2.42 4.88
N GLY B 171 27.58 1.49 4.01
CA GLY B 171 26.20 1.43 3.58
C GLY B 171 25.75 2.61 2.73
N ARG B 172 26.66 3.23 1.99
CA ARG B 172 26.31 4.26 1.02
C ARG B 172 27.17 4.07 -0.23
N ILE B 173 26.58 4.36 -1.38
CA ILE B 173 27.22 4.15 -2.68
C ILE B 173 28.06 5.36 -3.02
N THR B 174 29.34 5.12 -3.30
CA THR B 174 30.22 6.16 -3.82
C THR B 174 30.03 6.28 -5.33
N LEU B 175 29.89 7.51 -5.81
CA LEU B 175 29.89 7.78 -7.25
C LEU B 175 31.15 8.53 -7.62
N TYR B 176 31.62 8.27 -8.84
CA TYR B 176 32.74 8.99 -9.43
C TYR B 176 32.31 9.92 -10.57
N HIS B 177 31.01 10.06 -10.80
CA HIS B 177 30.53 11.00 -11.79
C HIS B 177 29.11 11.39 -11.45
N GLY B 178 28.78 12.67 -11.59
CA GLY B 178 27.42 13.08 -11.34
C GLY B 178 26.44 12.36 -12.25
N TRP B 179 26.90 11.93 -13.43
CA TRP B 179 26.04 11.18 -14.34
C TRP B 179 25.55 9.87 -13.73
N GLU B 180 26.35 9.26 -12.85
CA GLU B 180 25.94 8.00 -12.23
C GLU B 180 24.74 8.18 -11.30
N SER B 181 24.45 9.40 -10.86
CA SER B 181 23.30 9.61 -10.00
C SER B 181 21.99 9.63 -10.77
N GLY B 182 22.06 9.81 -12.09
CA GLY B 182 20.87 10.05 -12.88
C GLY B 182 20.41 11.49 -12.86
N MET B 183 20.85 12.29 -11.89
CA MET B 183 20.48 13.69 -11.74
C MET B 183 21.71 14.54 -12.08
N ASP B 184 21.95 14.70 -13.38
CA ASP B 184 23.27 15.15 -13.86
C ASP B 184 23.66 16.51 -13.29
N ASN B 185 22.77 17.49 -13.38
CA ASN B 185 23.10 18.83 -12.92
C ASN B 185 22.32 19.20 -11.68
N SER B 186 21.98 18.22 -10.86
CA SER B 186 21.34 18.53 -9.60
C SER B 186 22.21 19.50 -8.81
N PRO B 187 21.61 20.45 -8.09
CA PRO B 187 22.40 21.24 -7.14
C PRO B 187 23.14 20.39 -6.12
N ARG B 188 22.74 19.12 -5.94
CA ARG B 188 23.43 18.22 -5.02
C ARG B 188 24.94 18.13 -5.26
N TRP B 189 25.39 18.25 -6.52
CA TRP B 189 26.80 18.04 -6.86
C TRP B 189 27.56 19.33 -7.13
N ASP B 190 26.95 20.49 -6.89
CA ASP B 190 27.60 21.75 -7.27
C ASP B 190 28.94 21.93 -6.57
N SER B 191 29.00 21.64 -5.26
CA SER B 191 30.23 21.99 -4.54
C SER B 191 31.35 20.99 -4.80
N ALA B 192 31.00 19.73 -5.08
CA ALA B 192 32.01 18.76 -5.51
C ALA B 192 32.49 19.01 -6.94
N TYR B 193 31.59 19.46 -7.82
CA TYR B 193 32.02 19.86 -9.16
C TYR B 193 32.86 21.13 -9.13
N ALA B 194 32.64 22.00 -8.14
CA ALA B 194 33.45 23.21 -8.02
C ALA B 194 34.91 22.91 -7.74
N ASN B 195 35.22 21.73 -7.19
CA ASN B 195 36.60 21.33 -6.93
C ASN B 195 37.17 20.47 -8.06
N VAL B 196 36.50 20.42 -9.20
CA VAL B 196 36.97 19.70 -10.37
C VAL B 196 37.57 20.72 -11.32
N VAL B 197 38.90 20.75 -11.44
CA VAL B 197 39.58 21.64 -12.37
C VAL B 197 40.11 20.82 -13.54
N PRO B 198 39.59 21.03 -14.76
CA PRO B 198 40.04 20.23 -15.90
C PRO B 198 41.42 20.65 -16.38
N GLY B 199 42.15 19.69 -16.94
CA GLY B 199 43.47 19.90 -17.52
C GLY B 199 43.38 20.07 -19.02
N LYS B 200 44.34 19.49 -19.74
CA LYS B 200 44.27 19.48 -21.20
C LYS B 200 43.17 18.51 -21.61
N LEU B 201 41.97 19.04 -21.84
CA LEU B 201 40.81 18.24 -22.15
C LEU B 201 40.60 18.16 -23.65
N PRO B 202 40.65 16.98 -24.26
CA PRO B 202 40.63 16.91 -25.73
C PRO B 202 39.36 17.52 -26.31
N GLU B 203 39.51 18.10 -27.50
CA GLU B 203 38.46 18.88 -28.15
C GLU B 203 37.17 18.08 -28.25
N TYR B 204 36.05 18.80 -28.17
CA TYR B 204 34.76 18.12 -28.30
C TYR B 204 33.68 19.11 -28.74
N GLN B 205 32.59 18.54 -29.25
CA GLN B 205 31.43 19.31 -29.67
C GLN B 205 30.20 18.69 -29.02
N ARG B 206 29.47 19.48 -28.23
CA ARG B 206 28.21 19.00 -27.68
C ARG B 206 27.24 18.63 -28.80
N ALA B 207 26.52 17.53 -28.61
CA ALA B 207 25.43 17.13 -29.48
C ALA B 207 24.05 17.25 -28.82
N ASP B 208 23.99 17.18 -27.49
CA ASP B 208 22.69 17.23 -26.80
C ASP B 208 21.93 18.53 -27.10
N ASN B 209 22.64 19.65 -27.15
CA ASN B 209 21.99 20.95 -27.32
C ASN B 209 21.90 21.40 -28.79
N VAL B 210 22.22 20.52 -29.75
CA VAL B 210 21.72 20.73 -31.11
C VAL B 210 20.28 20.22 -31.21
N ILE B 211 19.95 19.19 -30.43
CA ILE B 211 18.59 18.66 -30.41
C ILE B 211 17.69 19.50 -29.51
N ILE B 212 18.06 19.65 -28.24
CA ILE B 212 17.35 20.53 -27.30
C ILE B 212 18.09 21.85 -27.31
N THR B 213 17.60 22.82 -28.09
CA THR B 213 18.37 24.04 -28.34
C THR B 213 18.14 25.15 -27.32
N ASP B 214 17.10 25.06 -26.50
CA ASP B 214 16.92 26.04 -25.44
C ASP B 214 18.06 25.89 -24.43
N PRO B 215 18.90 26.92 -24.24
CA PRO B 215 20.03 26.75 -23.31
C PRO B 215 19.57 26.55 -21.88
N SER B 216 18.39 27.05 -21.53
CA SER B 216 17.89 27.02 -20.16
C SER B 216 17.40 25.64 -19.71
N GLN B 217 17.29 24.67 -20.63
CA GLN B 217 16.76 23.36 -20.28
C GLN B 217 17.83 22.28 -20.21
N ARG B 218 19.07 22.59 -20.55
CA ARG B 218 20.17 21.63 -20.54
C ARG B 218 21.28 22.22 -19.66
N PRO B 219 22.27 21.41 -19.27
CA PRO B 219 23.43 21.94 -18.55
C PRO B 219 24.24 22.94 -19.38
N SER B 220 25.09 23.69 -18.68
CA SER B 220 25.89 24.73 -19.32
C SER B 220 27.15 24.14 -19.93
N ASP B 221 27.79 24.91 -20.81
CA ASP B 221 29.07 24.50 -21.38
C ASP B 221 30.12 24.31 -20.29
N GLY B 222 30.20 25.23 -19.32
CA GLY B 222 31.10 25.03 -18.20
C GLY B 222 30.88 23.70 -17.49
N GLU B 223 29.62 23.29 -17.33
CA GLU B 223 29.34 22.01 -16.66
C GLU B 223 29.77 20.82 -17.53
N TYR B 224 29.55 20.89 -18.85
CA TYR B 224 30.00 19.80 -19.70
C TYR B 224 31.52 19.66 -19.69
N ASP B 225 32.28 20.74 -19.49
CA ASP B 225 33.74 20.60 -19.46
C ASP B 225 34.20 19.79 -18.26
N ARG B 226 33.51 19.92 -17.12
CA ARG B 226 33.82 19.09 -15.97
C ARG B 226 33.40 17.64 -16.18
N TYR B 227 32.21 17.41 -16.78
CA TYR B 227 31.73 16.06 -17.05
C TYR B 227 32.73 15.29 -17.91
N LEU B 228 33.22 15.92 -18.97
CA LEU B 228 34.13 15.21 -19.87
C LEU B 228 35.52 15.08 -19.27
N TRP B 229 35.89 16.01 -18.40
CA TRP B 229 37.21 15.89 -17.79
C TRP B 229 37.29 14.67 -16.87
N LEU B 230 36.19 14.35 -16.18
CA LEU B 230 36.20 13.17 -15.32
C LEU B 230 36.40 11.91 -16.14
N LEU B 231 35.80 11.85 -17.34
CA LEU B 231 36.05 10.74 -18.26
C LEU B 231 37.54 10.56 -18.51
N GLU B 232 38.25 11.67 -18.76
CA GLU B 232 39.70 11.56 -18.96
C GLU B 232 40.39 10.93 -17.77
N GLU B 233 39.90 11.19 -16.55
CA GLU B 233 40.58 10.63 -15.39
C GLU B 233 40.34 9.14 -15.27
N MET B 234 39.12 8.71 -15.54
CA MET B 234 38.84 7.28 -15.61
C MET B 234 39.63 6.60 -16.71
N LYS B 235 39.72 7.24 -17.89
CA LYS B 235 40.42 6.61 -19.00
C LYS B 235 41.89 6.40 -18.67
N ALA B 236 42.49 7.32 -17.90
CA ALA B 236 43.91 7.19 -17.60
C ALA B 236 44.20 6.01 -16.70
N VAL B 237 43.23 5.50 -15.96
CA VAL B 237 43.46 4.31 -15.16
C VAL B 237 42.72 3.10 -15.74
N ARG B 238 42.32 3.19 -17.02
CA ARG B 238 41.73 2.07 -17.73
C ARG B 238 40.49 1.54 -17.03
N TYR B 239 39.75 2.43 -16.36
CA TYR B 239 38.49 2.12 -15.68
C TYR B 239 38.67 1.07 -14.58
N ASP B 240 39.89 0.97 -14.04
CA ASP B 240 40.18 0.03 -12.97
C ASP B 240 39.52 0.45 -11.66
N ASP B 241 38.75 -0.47 -11.06
CA ASP B 241 38.08 -0.20 -9.78
C ASP B 241 39.07 0.19 -8.70
N GLU B 242 40.19 -0.55 -8.59
CA GLU B 242 41.16 -0.31 -7.50
C GLU B 242 41.81 1.06 -7.59
N ARG B 243 42.04 1.56 -8.80
CA ARG B 243 42.76 2.81 -8.96
C ARG B 243 41.85 4.03 -8.89
N LEU B 244 40.54 3.87 -9.12
CA LEU B 244 39.65 5.02 -9.14
C LEU B 244 39.68 5.83 -7.85
N PRO B 245 39.63 5.21 -6.65
CA PRO B 245 39.70 6.04 -5.44
C PRO B 245 40.93 6.90 -5.39
N SER B 246 42.03 6.45 -6.02
CA SER B 246 43.26 7.20 -6.01
C SER B 246 43.31 8.33 -7.05
N VAL B 247 42.41 8.39 -8.03
CA VAL B 247 42.63 9.38 -9.08
C VAL B 247 41.46 10.34 -9.27
N MET B 248 40.24 9.94 -8.92
CA MET B 248 39.07 10.71 -9.34
C MET B 248 38.96 12.03 -8.57
N SER B 249 38.73 13.12 -9.29
CA SER B 249 38.51 14.44 -8.71
C SER B 249 37.11 14.63 -8.14
N PHE B 250 36.24 13.62 -8.26
CA PHE B 250 34.85 13.71 -7.86
C PHE B 250 34.55 12.38 -7.19
N GLN B 251 34.23 12.42 -5.90
CA GLN B 251 33.93 11.18 -5.17
C GLN B 251 32.86 11.54 -4.15
N VAL B 252 31.62 11.14 -4.41
CA VAL B 252 30.50 11.52 -3.54
C VAL B 252 29.70 10.29 -3.17
N GLU B 253 29.24 10.26 -1.93
CA GLU B 253 28.29 9.25 -1.49
C GLU B 253 26.88 9.74 -1.79
N ASP B 254 26.14 8.98 -2.61
CA ASP B 254 24.85 9.43 -3.16
C ASP B 254 23.74 8.76 -2.37
N VAL B 255 23.05 9.54 -1.54
CA VAL B 255 22.14 8.93 -0.57
C VAL B 255 20.86 8.42 -1.27
N PHE B 256 20.43 9.07 -2.36
CA PHE B 256 19.27 8.58 -3.11
C PHE B 256 19.58 7.25 -3.81
N PHE B 257 20.70 7.19 -4.52
CA PHE B 257 21.17 5.93 -5.09
C PHE B 257 21.25 4.84 -4.02
N SER B 258 21.77 5.18 -2.83
CA SER B 258 21.85 4.20 -1.75
C SER B 258 20.46 3.72 -1.30
N ALA B 259 19.49 4.64 -1.18
CA ALA B 259 18.16 4.23 -0.74
C ALA B 259 17.51 3.32 -1.76
N ILE B 260 17.73 3.62 -3.05
CA ILE B 260 17.20 2.76 -4.10
C ILE B 260 17.84 1.38 -4.02
N PHE B 261 19.15 1.32 -3.79
CA PHE B 261 19.81 0.04 -3.67
C PHE B 261 19.23 -0.76 -2.52
N SER B 262 18.97 -0.09 -1.39
CA SER B 262 18.41 -0.79 -0.24
C SER B 262 17.08 -1.42 -0.58
N VAL B 263 16.19 -0.65 -1.24
CA VAL B 263 14.89 -1.18 -1.66
C VAL B 263 15.08 -2.33 -2.64
N ALA B 264 15.92 -2.10 -3.64
CA ALA B 264 16.20 -3.13 -4.64
C ALA B 264 16.66 -4.45 -3.99
N CYS B 265 17.53 -4.39 -2.97
CA CYS B 265 17.98 -5.63 -2.34
C CYS B 265 16.83 -6.33 -1.66
N GLN B 266 16.01 -5.58 -0.93
CA GLN B 266 14.85 -6.12 -0.26
C GLN B 266 13.92 -6.79 -1.26
N VAL B 267 13.66 -6.13 -2.39
CA VAL B 267 12.77 -6.67 -3.40
C VAL B 267 13.34 -7.94 -3.99
N LEU B 268 14.62 -7.89 -4.37
CA LEU B 268 15.27 -9.07 -4.94
C LEU B 268 15.31 -10.22 -3.91
N ALA B 269 15.48 -9.90 -2.62
CA ALA B 269 15.50 -10.96 -1.62
C ALA B 269 14.15 -11.69 -1.59
N GLU B 270 13.05 -10.93 -1.62
CA GLU B 270 11.73 -11.56 -1.60
C GLU B 270 11.48 -12.39 -2.86
N ILE B 271 11.91 -11.89 -4.02
CA ILE B 271 11.86 -12.70 -5.23
C ILE B 271 12.66 -13.98 -5.02
N GLY B 272 13.85 -13.85 -4.43
CA GLY B 272 14.68 -15.03 -4.21
C GLY B 272 14.01 -16.07 -3.33
N GLU B 273 13.23 -15.62 -2.34
CA GLU B 273 12.53 -16.57 -1.48
C GLU B 273 11.38 -17.25 -2.23
N ASP B 274 10.55 -16.46 -2.92
CA ASP B 274 9.39 -17.02 -3.62
C ASP B 274 9.78 -17.99 -4.73
N TYR B 275 10.97 -17.84 -5.32
CA TYR B 275 11.37 -18.71 -6.42
C TYR B 275 12.57 -19.58 -6.05
N LYS B 276 12.80 -19.78 -4.75
CA LYS B 276 13.69 -20.83 -4.27
C LYS B 276 15.09 -20.68 -4.84
N ARG B 277 15.61 -19.46 -4.84
CA ARG B 277 16.98 -19.20 -5.24
C ARG B 277 17.91 -19.58 -4.08
N PRO B 278 19.22 -19.59 -4.27
CA PRO B 278 20.11 -20.05 -3.20
C PRO B 278 19.95 -19.24 -1.92
N HIS B 279 19.98 -19.94 -0.78
CA HIS B 279 19.76 -19.29 0.51
C HIS B 279 20.87 -18.29 0.84
N ALA B 280 22.12 -18.59 0.45
CA ALA B 280 23.21 -17.65 0.70
C ALA B 280 23.00 -16.33 -0.04
N ASP B 281 22.38 -16.37 -1.21
CA ASP B 281 22.10 -15.16 -1.96
C ASP B 281 21.03 -14.33 -1.27
N VAL B 282 19.95 -14.97 -0.84
CA VAL B 282 18.87 -14.27 -0.15
C VAL B 282 19.40 -13.62 1.12
N LYS B 283 20.18 -14.38 1.91
CA LYS B 283 20.80 -13.82 3.11
C LYS B 283 21.64 -12.59 2.79
N ASP B 284 22.49 -12.67 1.76
CA ASP B 284 23.31 -11.53 1.37
C ASP B 284 22.46 -10.31 1.01
N LEU B 285 21.39 -10.54 0.23
CA LEU B 285 20.53 -9.44 -0.19
C LEU B 285 19.86 -8.77 1.00
N TYR B 286 19.34 -9.57 1.95
CA TYR B 286 18.78 -9.00 3.18
C TYR B 286 19.83 -8.24 3.97
N LEU B 287 21.06 -8.77 4.02
CA LEU B 287 22.15 -8.07 4.69
C LEU B 287 22.37 -6.70 4.10
N TRP B 288 22.49 -6.62 2.77
CA TRP B 288 22.74 -5.35 2.11
C TRP B 288 21.57 -4.39 2.26
N ALA B 289 20.34 -4.89 2.15
CA ALA B 289 19.20 -3.99 2.32
C ALA B 289 19.24 -3.31 3.68
N GLU B 290 19.64 -4.05 4.73
CA GLU B 290 19.69 -3.44 6.06
C GLU B 290 20.88 -2.48 6.17
N ARG B 291 22.06 -2.90 5.68
CA ARG B 291 23.23 -2.03 5.72
C ARG B 291 22.97 -0.69 5.02
N PHE B 292 22.34 -0.73 3.84
CA PHE B 292 22.13 0.53 3.13
C PHE B 292 20.95 1.31 3.69
N ARG B 293 19.93 0.63 4.21
CA ARG B 293 18.90 1.33 4.97
C ARG B 293 19.53 2.10 6.12
N ALA B 294 20.43 1.43 6.87
CA ALA B 294 21.08 2.11 7.98
C ALA B 294 21.99 3.22 7.46
N GLY B 295 22.68 2.96 6.35
CA GLY B 295 23.57 3.97 5.81
C GLY B 295 22.82 5.23 5.39
N VAL B 296 21.63 5.07 4.84
CA VAL B 296 20.86 6.26 4.52
C VAL B 296 20.43 6.99 5.80
N VAL B 297 19.94 6.27 6.80
CA VAL B 297 19.49 6.91 8.04
C VAL B 297 20.63 7.67 8.72
N GLU B 298 21.85 7.16 8.63
CA GLU B 298 22.95 7.83 9.30
C GLU B 298 23.23 9.22 8.73
N THR B 299 22.79 9.51 7.49
CA THR B 299 22.97 10.83 6.90
C THR B 299 21.92 11.85 7.32
N THR B 300 20.90 11.45 8.06
CA THR B 300 19.74 12.32 8.15
C THR B 300 19.84 13.33 9.27
N ASP B 301 19.25 14.50 9.01
CA ASP B 301 19.09 15.51 10.04
C ASP B 301 18.27 14.92 11.17
N GLN B 302 18.79 15.04 12.40
CA GLN B 302 18.14 14.48 13.58
C GLN B 302 16.81 15.15 13.93
N ARG B 303 16.52 16.30 13.32
CA ARG B 303 15.26 16.98 13.56
C ARG B 303 14.30 16.77 12.40
N THR B 304 14.71 17.15 11.19
CA THR B 304 13.84 17.09 10.02
C THR B 304 13.85 15.74 9.33
N GLY B 305 14.84 14.90 9.58
CA GLY B 305 14.92 13.65 8.85
C GLY B 305 15.51 13.74 7.45
N ALA B 306 15.88 14.94 6.99
CA ALA B 306 16.33 15.08 5.61
C ALA B 306 17.67 14.36 5.39
N ALA B 307 17.75 13.57 4.33
CA ALA B 307 18.98 12.87 3.99
C ALA B 307 19.97 13.82 3.31
N ARG B 308 21.26 13.66 3.62
CA ARG B 308 22.31 14.50 3.05
C ARG B 308 23.27 13.65 2.23
N ASP B 309 23.75 14.19 1.10
CA ASP B 309 24.84 13.51 0.43
C ASP B 309 26.17 13.80 1.17
N PHE B 310 27.23 13.08 0.79
CA PHE B 310 28.52 13.25 1.44
C PHE B 310 29.64 13.34 0.40
N ASP B 311 30.40 14.43 0.45
CA ASP B 311 31.55 14.63 -0.43
C ASP B 311 32.76 13.95 0.23
N VAL B 312 33.21 12.84 -0.37
CA VAL B 312 34.27 12.06 0.26
C VAL B 312 35.59 12.82 0.24
N LEU B 313 35.84 13.57 -0.84
CA LEU B 313 37.10 14.31 -0.94
C LEU B 313 37.14 15.48 0.04
N ALA B 314 36.08 16.29 0.06
CA ALA B 314 36.07 17.39 1.02
C ALA B 314 35.79 16.89 2.42
N GLU B 315 35.39 15.63 2.58
CA GLU B 315 35.02 15.05 3.86
C GLU B 315 34.00 15.93 4.59
N LYS B 316 32.84 16.08 3.97
CA LYS B 316 31.84 16.95 4.57
C LYS B 316 30.48 16.61 3.99
N TRP B 317 29.46 16.89 4.80
CA TRP B 317 28.08 16.67 4.41
C TRP B 317 27.65 17.74 3.43
N LEU B 318 26.93 17.34 2.39
CA LEU B 318 26.43 18.27 1.39
C LEU B 318 24.97 18.56 1.72
N VAL B 319 24.68 19.80 2.08
CA VAL B 319 23.32 20.20 2.44
C VAL B 319 22.73 20.97 1.26
N THR B 320 21.69 20.41 0.65
CA THR B 320 20.98 21.01 -0.47
C THR B 320 19.51 20.68 -0.32
N GLU B 321 18.64 21.48 -0.95
CA GLU B 321 17.19 21.26 -0.86
C GLU B 321 16.66 20.69 -2.17
N THR B 322 16.95 19.43 -2.40
CA THR B 322 16.43 18.74 -3.57
C THR B 322 15.56 17.59 -3.11
N ALA B 323 14.95 16.95 -4.10
CA ALA B 323 14.11 15.79 -3.85
C ALA B 323 14.89 14.63 -3.23
N ALA B 324 16.24 14.63 -3.33
CA ALA B 324 17.01 13.52 -2.77
C ALA B 324 16.99 13.49 -1.26
N GLN B 325 16.60 14.60 -0.62
CA GLN B 325 16.43 14.63 0.83
C GLN B 325 15.47 13.55 1.30
N PHE B 326 14.53 13.15 0.44
CA PHE B 326 13.48 12.23 0.84
C PHE B 326 13.84 10.77 0.62
N ALA B 327 15.10 10.49 0.27
CA ALA B 327 15.56 9.11 0.18
C ALA B 327 15.11 8.21 1.34
N PRO B 328 15.17 8.63 2.62
CA PRO B 328 14.78 7.68 3.69
C PRO B 328 13.32 7.29 3.61
N LEU B 329 12.48 8.09 2.95
CA LEU B 329 11.09 7.67 2.76
C LEU B 329 11.00 6.42 1.87
N LEU B 330 11.95 6.25 0.95
CA LEU B 330 11.88 5.13 0.04
C LEU B 330 12.22 3.83 0.77
N CYS B 331 13.31 3.83 1.54
CA CYS B 331 13.84 2.57 2.05
C CYS B 331 13.36 2.23 3.46
N GLY B 332 12.79 3.20 4.19
CA GLY B 332 12.44 2.95 5.57
C GLY B 332 13.63 3.18 6.51
N GLY B 333 13.38 2.98 7.80
CA GLY B 333 14.44 2.92 8.79
C GLY B 333 14.49 4.08 9.75
N LEU B 334 13.85 5.19 9.43
CA LEU B 334 13.91 6.35 10.31
C LEU B 334 13.15 6.08 11.60
N PRO B 335 13.58 6.67 12.72
CA PRO B 335 12.71 6.73 13.89
C PRO B 335 11.38 7.39 13.56
N HIS B 336 10.38 7.04 14.36
CA HIS B 336 9.00 7.42 14.08
C HIS B 336 8.84 8.93 13.98
N ASP B 337 9.35 9.68 14.97
CA ASP B 337 9.20 11.14 14.99
C ASP B 337 9.93 11.80 13.84
N ARG B 338 11.12 11.29 13.52
CA ARG B 338 11.91 11.86 12.46
C ARG B 338 11.25 11.65 11.10
N GLU B 339 10.56 10.52 10.93
CA GLU B 339 9.89 10.29 9.66
C GLU B 339 8.67 11.20 9.49
N ARG B 340 7.91 11.39 10.57
CA ARG B 340 6.78 12.32 10.48
C ARG B 340 7.24 13.71 10.09
N ALA B 341 8.35 14.20 10.69
CA ALA B 341 8.91 15.48 10.32
C ALA B 341 9.31 15.52 8.85
N LEU B 342 9.88 14.41 8.36
CA LEU B 342 10.29 14.35 6.96
C LEU B 342 9.09 14.40 6.02
N LEU B 343 8.00 13.72 6.39
CA LEU B 343 6.77 13.82 5.60
C LEU B 343 6.18 15.22 5.63
N LYS B 344 6.27 15.93 6.77
CA LYS B 344 5.83 17.32 6.79
C LYS B 344 6.65 18.19 5.84
N LEU B 345 7.96 17.94 5.74
CA LEU B 345 8.77 18.68 4.80
C LEU B 345 8.32 18.41 3.37
N LEU B 346 8.12 17.13 3.02
CA LEU B 346 7.65 16.75 1.69
C LEU B 346 6.33 17.45 1.34
N GLU B 347 5.38 17.43 2.27
CA GLU B 347 4.03 17.90 1.99
C GLU B 347 3.89 19.41 2.17
N GLY B 348 4.89 20.07 2.74
CA GLY B 348 4.79 21.46 3.07
C GLY B 348 5.14 22.39 1.93
N PRO B 349 5.25 23.68 2.27
CA PRO B 349 5.40 24.71 1.23
C PRO B 349 6.74 24.70 0.54
N ARG B 350 7.75 24.03 1.08
CA ARG B 350 9.03 23.97 0.38
C ARG B 350 9.04 22.94 -0.74
N PHE B 351 8.06 22.02 -0.77
CA PHE B 351 7.98 21.05 -1.85
C PHE B 351 6.55 20.92 -2.35
N CYS B 352 5.92 19.75 -2.19
CA CYS B 352 4.63 19.53 -2.81
C CYS B 352 3.55 20.48 -2.33
N GLY B 353 3.73 21.14 -1.20
CA GLY B 353 2.76 22.12 -0.78
C GLY B 353 3.01 23.52 -1.27
N HIS B 354 3.98 23.74 -2.15
CA HIS B 354 4.27 25.09 -2.60
C HIS B 354 3.06 25.68 -3.33
N PRO B 355 2.64 26.89 -2.99
CA PRO B 355 1.35 27.42 -3.53
C PRO B 355 1.29 27.62 -5.04
N ASP B 356 2.43 27.77 -5.72
CA ASP B 356 2.42 28.08 -7.14
C ASP B 356 2.59 26.86 -8.02
N LEU B 357 2.63 25.65 -7.46
CA LEU B 357 2.80 24.46 -8.29
C LEU B 357 1.49 24.13 -9.00
N LYS B 358 1.61 23.69 -10.25
CA LYS B 358 0.41 23.32 -10.99
C LYS B 358 -0.19 22.00 -10.51
N TYR B 359 0.66 21.02 -10.16
CA TYR B 359 0.21 19.74 -9.65
C TYR B 359 0.88 19.44 -8.31
N GLY B 360 0.24 18.61 -7.51
CA GLY B 360 0.83 18.18 -6.25
C GLY B 360 1.87 17.11 -6.47
N LEU B 361 3.01 17.49 -7.05
CA LEU B 361 4.08 16.58 -7.43
C LEU B 361 5.38 17.10 -6.84
N ILE B 362 6.41 16.26 -6.82
CA ILE B 362 7.65 16.56 -6.11
C ILE B 362 8.59 17.30 -7.07
N PRO B 363 8.93 18.56 -6.80
CA PRO B 363 9.89 19.26 -7.67
C PRO B 363 11.30 18.79 -7.41
N SER B 364 12.11 18.74 -8.48
CA SER B 364 13.45 18.17 -8.32
C SER B 364 14.30 19.02 -7.38
N THR B 365 14.08 20.32 -7.37
CA THR B 365 14.70 21.22 -6.39
C THR B 365 13.62 22.05 -5.75
N SER B 366 13.78 22.35 -4.47
CA SER B 366 12.75 23.13 -3.77
C SER B 366 12.60 24.50 -4.41
N PRO B 367 11.37 24.93 -4.71
CA PRO B 367 11.17 26.27 -5.30
C PRO B 367 11.61 27.42 -4.43
N VAL B 368 11.71 27.25 -3.11
CA VAL B 368 12.18 28.33 -2.25
C VAL B 368 13.69 28.26 -2.04
N SER B 369 14.38 27.35 -2.73
CA SER B 369 15.83 27.25 -2.63
C SER B 369 16.50 28.23 -3.58
N ARG B 370 17.63 28.79 -3.12
CA ARG B 370 18.43 29.69 -3.94
C ARG B 370 18.91 29.04 -5.23
N ASP B 371 18.99 27.71 -5.27
CA ASP B 371 19.46 26.94 -6.43
C ASP B 371 18.34 26.68 -7.43
N PHE B 372 17.10 27.02 -7.08
CA PHE B 372 15.96 26.69 -7.91
C PHE B 372 16.02 27.41 -9.26
N ARG B 373 15.85 26.66 -10.34
CA ARG B 373 15.72 27.20 -11.69
C ARG B 373 14.56 26.44 -12.34
N PRO B 374 13.47 27.13 -12.70
CA PRO B 374 12.23 26.41 -13.05
C PRO B 374 12.30 25.58 -14.33
N ARG B 375 13.24 25.86 -15.24
CA ARG B 375 13.31 25.15 -16.50
C ARG B 375 14.52 24.23 -16.63
N GLU B 376 15.48 24.31 -15.71
CA GLU B 376 16.83 23.81 -15.94
C GLU B 376 17.03 22.40 -15.35
N TYR B 377 16.33 21.43 -15.97
CA TYR B 377 16.69 20.01 -15.87
C TYR B 377 16.39 19.44 -14.47
N TRP B 378 17.43 19.19 -13.66
CA TRP B 378 17.23 18.72 -12.29
C TRP B 378 17.30 19.83 -11.23
N ARG B 379 17.40 21.10 -11.64
CA ARG B 379 17.45 22.20 -10.70
C ARG B 379 16.06 22.75 -10.36
N GLY B 380 15.00 21.99 -10.59
CA GLY B 380 13.69 22.55 -10.38
C GLY B 380 12.53 21.80 -10.99
N PRO B 381 12.63 21.44 -12.31
CA PRO B 381 11.50 20.75 -12.95
C PRO B 381 10.98 19.52 -12.24
N VAL B 382 9.75 19.15 -12.58
CA VAL B 382 9.10 17.96 -12.05
C VAL B 382 9.35 16.81 -13.02
N TRP B 383 9.80 15.66 -12.50
CA TRP B 383 10.10 14.48 -13.31
C TRP B 383 9.12 13.35 -12.98
N PRO B 384 8.32 12.90 -13.97
CA PRO B 384 7.45 11.74 -13.76
C PRO B 384 8.16 10.49 -13.26
N VAL B 385 9.44 10.31 -13.58
CA VAL B 385 10.12 9.14 -13.06
C VAL B 385 10.31 9.22 -11.54
N LEU B 386 10.51 10.41 -10.97
CA LEU B 386 10.50 10.51 -9.52
C LEU B 386 9.10 10.28 -8.96
N THR B 387 8.08 10.84 -9.62
CA THR B 387 6.70 10.60 -9.21
C THR B 387 6.42 9.11 -9.16
N TRP B 388 6.82 8.38 -10.20
CA TRP B 388 6.57 6.95 -10.25
C TRP B 388 7.32 6.25 -9.12
N LEU B 389 8.59 6.58 -8.95
CA LEU B 389 9.40 5.88 -7.95
C LEU B 389 8.91 6.15 -6.54
N PHE B 390 8.52 7.39 -6.25
CA PHE B 390 8.03 7.68 -4.92
C PHE B 390 6.70 6.98 -4.67
N SER B 391 5.80 7.05 -5.65
N SER B 391 5.79 7.03 -5.65
CA SER B 391 4.49 6.44 -5.48
CA SER B 391 4.48 6.43 -5.43
C SER B 391 4.63 4.93 -5.29
C SER B 391 4.59 4.92 -5.30
N TRP B 392 5.49 4.30 -6.07
CA TRP B 392 5.67 2.87 -5.93
C TRP B 392 6.26 2.53 -4.56
N CYS B 393 7.30 3.26 -4.14
CA CYS B 393 7.88 3.03 -2.82
C CYS B 393 6.91 3.38 -1.70
N PHE B 394 6.15 4.46 -1.85
CA PHE B 394 5.17 4.81 -0.83
C PHE B 394 4.16 3.69 -0.62
N ALA B 395 3.71 3.07 -1.72
CA ALA B 395 2.72 2.01 -1.56
C ALA B 395 3.33 0.81 -0.83
N ARG B 396 4.62 0.56 -1.08
CA ARG B 396 5.37 -0.48 -0.37
C ARG B 396 5.45 -0.19 1.12
N ARG B 397 5.55 1.09 1.51
CA ARG B 397 5.51 1.48 2.91
C ARG B 397 4.13 1.31 3.52
N GLY B 398 3.09 1.09 2.72
CA GLY B 398 1.75 1.03 3.27
C GLY B 398 1.02 2.35 3.28
N TRP B 399 1.52 3.34 2.56
CA TRP B 399 0.94 4.66 2.56
C TRP B 399 0.06 4.77 1.33
N ALA B 400 -1.06 4.05 1.39
CA ALA B 400 -1.82 3.81 0.17
C ALA B 400 -2.34 5.11 -0.39
N GLU B 401 -2.82 6.02 0.47
CA GLU B 401 -3.43 7.24 -0.03
C GLU B 401 -2.38 8.26 -0.53
N ARG B 402 -1.22 8.39 0.13
CA ARG B 402 -0.14 9.20 -0.44
C ARG B 402 0.27 8.69 -1.83
N ALA B 403 0.39 7.37 -1.99
CA ALA B 403 0.77 6.81 -3.28
C ALA B 403 -0.28 7.10 -4.35
N ARG B 404 -1.56 6.99 -3.98
CA ARG B 404 -2.63 7.22 -4.94
C ARG B 404 -2.66 8.67 -5.40
N LEU B 405 -2.47 9.61 -4.47
CA LEU B 405 -2.47 11.04 -4.81
C LEU B 405 -1.31 11.40 -5.75
N LEU B 406 -0.13 10.82 -5.54
CA LEU B 406 0.98 11.05 -6.46
C LEU B 406 0.67 10.46 -7.84
N ARG B 407 0.08 9.26 -7.86
CA ARG B 407 -0.31 8.63 -9.12
C ARG B 407 -1.35 9.46 -9.87
N GLN B 408 -2.37 9.93 -9.15
CA GLN B 408 -3.42 10.72 -9.77
C GLN B 408 -2.86 11.97 -10.42
N GLU B 409 -1.97 12.68 -9.71
CA GLU B 409 -1.45 13.92 -10.25
C GLU B 409 -0.46 13.68 -11.38
N GLY B 410 0.31 12.58 -11.30
CA GLY B 410 1.15 12.18 -12.42
C GLY B 410 0.35 11.91 -13.68
N LEU B 411 -0.79 11.18 -13.54
CA LEU B 411 -1.61 10.95 -14.72
C LEU B 411 -2.17 12.26 -15.25
N ARG B 412 -2.56 13.17 -14.35
CA ARG B 412 -3.12 14.44 -14.79
C ARG B 412 -2.08 15.26 -15.56
N GLN B 413 -0.85 15.31 -15.05
CA GLN B 413 0.24 15.96 -15.75
C GLN B 413 0.52 15.26 -17.09
N ALA B 414 0.59 13.94 -17.10
CA ALA B 414 0.90 13.25 -18.35
C ALA B 414 -0.27 13.25 -19.31
N SER B 415 -1.44 13.72 -18.90
CA SER B 415 -2.60 13.53 -19.74
C SER B 415 -2.55 14.39 -21.01
N ASP B 416 -1.49 15.15 -21.27
CA ASP B 416 -1.41 15.86 -22.54
C ASP B 416 -0.76 15.03 -23.64
N GLY B 417 -0.18 13.88 -23.30
CA GLY B 417 0.47 13.02 -24.27
C GLY B 417 1.82 13.48 -24.78
N SER B 418 2.47 14.44 -24.11
CA SER B 418 3.80 14.85 -24.55
C SER B 418 4.85 13.80 -24.18
N PHE B 419 4.65 13.10 -23.07
CA PHE B 419 5.57 12.08 -22.61
C PHE B 419 6.97 12.66 -22.49
N ALA B 420 7.04 13.85 -21.93
CA ALA B 420 8.31 14.50 -21.66
C ALA B 420 8.93 13.90 -20.41
N ALA B 421 10.24 14.06 -20.29
CA ALA B 421 10.91 13.57 -19.08
C ALA B 421 10.74 14.53 -17.92
N TYR B 422 10.51 15.82 -18.19
CA TYR B 422 10.35 16.77 -17.09
C TYR B 422 9.49 17.94 -17.53
N TYR B 423 8.88 18.60 -16.54
CA TYR B 423 7.85 19.60 -16.75
C TYR B 423 8.15 20.82 -15.91
N GLU B 424 7.91 22.00 -16.49
CA GLU B 424 7.99 23.24 -15.74
C GLU B 424 7.04 23.15 -14.54
N PRO B 425 7.47 23.53 -13.34
CA PRO B 425 6.66 23.18 -12.15
C PRO B 425 5.51 24.13 -11.89
N PHE B 426 5.54 25.32 -12.45
CA PHE B 426 4.50 26.32 -12.26
C PHE B 426 3.48 26.33 -13.39
N THR B 427 3.93 26.14 -14.62
CA THR B 427 3.06 26.22 -15.80
C THR B 427 2.68 24.86 -16.35
N GLY B 428 3.39 23.81 -15.99
CA GLY B 428 3.16 22.49 -16.55
C GLY B 428 3.72 22.28 -17.94
N GLU B 429 4.42 23.27 -18.51
CA GLU B 429 4.98 23.12 -19.85
C GLU B 429 5.89 21.90 -19.92
N PRO B 430 5.68 21.01 -20.90
CA PRO B 430 6.65 19.93 -21.15
C PRO B 430 8.01 20.52 -21.54
N LEU B 431 9.07 19.98 -20.97
CA LEU B 431 10.41 20.46 -21.27
C LEU B 431 11.29 19.31 -21.75
N GLY B 432 12.44 19.67 -22.32
CA GLY B 432 13.35 18.64 -22.75
C GLY B 432 12.82 17.94 -23.98
N SER B 433 13.13 16.65 -24.08
CA SER B 433 12.72 15.84 -25.23
C SER B 433 11.31 15.28 -25.02
N MET B 434 10.50 15.32 -26.08
CA MET B 434 9.25 14.58 -26.03
C MET B 434 9.55 13.10 -26.28
N GLN B 435 8.52 12.27 -26.21
CA GLN B 435 8.65 10.87 -26.60
C GLN B 435 9.71 10.14 -25.77
N GLN B 436 9.78 10.47 -24.49
CA GLN B 436 10.69 9.78 -23.59
C GLN B 436 10.07 8.46 -23.17
N SER B 437 10.80 7.36 -23.42
CA SER B 437 10.23 6.04 -23.22
C SER B 437 9.79 5.82 -21.77
N TRP B 438 10.56 6.32 -20.79
CA TRP B 438 10.21 5.95 -19.42
C TRP B 438 9.03 6.73 -18.86
N THR B 439 8.74 7.91 -19.42
CA THR B 439 7.46 8.54 -19.07
C THR B 439 6.29 7.72 -19.63
N ALA B 440 6.42 7.23 -20.87
CA ALA B 440 5.38 6.34 -21.39
C ALA B 440 5.26 5.10 -20.51
N ALA B 441 6.40 4.54 -20.09
CA ALA B 441 6.36 3.39 -19.19
C ALA B 441 5.62 3.72 -17.88
N ALA B 442 5.93 4.86 -17.27
CA ALA B 442 5.27 5.18 -16.01
C ALA B 442 3.77 5.29 -16.19
N VAL B 443 3.35 5.86 -17.32
CA VAL B 443 1.93 6.02 -17.58
C VAL B 443 1.28 4.66 -17.75
N LEU B 444 1.92 3.77 -18.49
CA LEU B 444 1.35 2.45 -18.70
C LEU B 444 1.23 1.70 -17.38
N ASP B 445 2.26 1.75 -16.55
CA ASP B 445 2.17 1.12 -15.25
C ASP B 445 1.02 1.72 -14.42
N TRP B 446 0.93 3.05 -14.38
CA TRP B 446 -0.09 3.68 -13.54
C TRP B 446 -1.49 3.36 -14.01
N LEU B 447 -1.71 3.33 -15.33
CA LEU B 447 -3.08 3.17 -15.80
C LEU B 447 -3.59 1.78 -15.51
N GLY B 448 -2.70 0.80 -15.47
CA GLY B 448 -3.12 -0.58 -15.35
C GLY B 448 -4.19 -0.80 -16.41
C1 GOL C . -23.69 -7.91 10.66
O1 GOL C . -23.48 -6.80 11.49
C2 GOL C . -25.21 -8.14 10.55
O2 GOL C . -25.68 -8.38 11.86
C3 GOL C . -25.92 -6.90 9.94
O3 GOL C . -25.47 -6.64 8.60
C1 GOL D . -11.34 11.30 27.21
O1 GOL D . -11.37 9.91 27.43
C2 GOL D . -9.91 11.77 27.02
O2 GOL D . -9.02 10.67 26.88
C3 GOL D . -9.87 12.64 25.77
O3 GOL D . -8.63 13.31 25.68
C1 GOL E . -0.15 -6.36 -12.05
O1 GOL E . 0.26 -5.41 -11.09
C2 GOL E . -0.96 -5.70 -13.17
O2 GOL E . -1.39 -4.39 -12.83
C3 GOL E . -2.13 -6.59 -13.56
O3 GOL E . -2.94 -5.97 -14.52
C1 GOL F . -1.43 -22.14 21.22
O1 GOL F . -0.29 -21.35 20.98
C2 GOL F . -2.20 -22.34 19.91
O2 GOL F . -1.33 -22.11 18.83
C3 GOL F . -2.79 -23.75 19.85
O3 GOL F . -3.20 -24.04 18.53
C1 GOL G . 5.51 3.86 16.65
O1 GOL G . 4.63 2.87 16.17
C2 GOL G . 5.12 4.31 18.06
O2 GOL G . 5.38 3.27 18.98
C3 GOL G . 5.92 5.54 18.46
O3 GOL G . 5.61 5.88 19.79
C1 GOL H . 13.54 -11.38 6.92
O1 GOL H . 14.60 -12.12 7.48
C2 GOL H . 14.00 -9.96 6.67
O2 GOL H . 15.10 -9.69 7.53
C3 GOL H . 12.87 -8.96 6.91
O3 GOL H . 13.38 -7.63 6.80
N SER I . -26.70 -10.39 12.62
CA SER I . -27.36 -10.74 13.89
C SER I . -28.74 -11.35 13.66
O SER I . -29.68 -10.92 14.31
CB SER I . -27.48 -9.51 14.80
OG SER I . -26.22 -9.13 15.28
OXT SER I . -28.92 -12.29 12.86
C1 PEG J . -38.22 -20.72 18.82
O1 PEG J . -37.81 -22.03 18.40
C2 PEG J . -39.34 -20.20 17.92
O2 PEG J . -38.82 -19.77 16.66
C3 PEG J . -39.78 -19.95 15.61
C4 PEG J . -39.13 -19.75 14.24
O4 PEG J . -38.33 -20.86 13.83
C1 GOL K . 18.17 9.51 -20.12
O1 GOL K . 16.75 9.53 -20.10
C2 GOL K . 18.76 10.25 -18.92
O2 GOL K . 20.17 10.18 -19.00
C3 GOL K . 18.36 9.58 -17.60
O3 GOL K . 18.88 8.27 -17.60
C1 GOL L . 24.86 -17.55 -7.41
O1 GOL L . 23.50 -17.85 -7.23
C2 GOL L . 25.14 -16.05 -7.46
O2 GOL L . 25.36 -15.54 -6.15
C3 GOL L . 26.38 -15.83 -8.33
O3 GOL L . 26.86 -14.50 -8.23
C1 GOL M . -10.85 9.87 -3.43
O1 GOL M . -10.91 8.97 -4.52
C2 GOL M . -10.67 9.08 -2.15
O2 GOL M . -10.19 7.74 -2.34
C3 GOL M . -9.79 9.80 -1.16
O3 GOL M . -9.19 8.80 -0.37
C1 GOL N . 24.57 13.37 9.54
O1 GOL N . 23.82 12.76 10.57
C2 GOL N . 24.30 14.86 9.48
O2 GOL N . 23.25 15.20 10.36
C3 GOL N . 23.93 15.23 8.05
O3 GOL N . 23.07 16.33 8.07
N SER O . 21.49 11.98 -19.50
CA SER O . 22.89 12.35 -19.69
C SER O . 23.06 13.29 -20.87
O SER O . 22.43 14.35 -20.95
CB SER O . 23.77 11.13 -19.87
OG SER O . 23.44 10.11 -18.96
OXT SER O . 23.84 13.01 -21.77
#